data_8SUJ
#
_entry.id   8SUJ
#
_cell.length_a   58.807
_cell.length_b   83.334
_cell.length_c   95.568
_cell.angle_alpha   90.00
_cell.angle_beta   91.68
_cell.angle_gamma   90.00
#
_symmetry.space_group_name_H-M   'P 1 21 1'
#
loop_
_entity.id
_entity.type
_entity.pdbx_description
1 polymer 'Serine hydroxymethyltransferase'
2 non-polymer 'SULFATE ION'
3 water water
#
_entity_poly.entity_id   1
_entity_poly.type   'polypeptide(L)'
_entity_poly.pdbx_seq_one_letter_code
;STLKRDEALFELIALEEKRQREGLELIASENFVSKQVREAVGSVLTNKYAEGYPGARYYGGCEVIDRVESLAIERAKALF
GAAWANVQPHSGSQANMAVYMALMEPGDTLMGMDLAAGGHLTHGSRVNFSGKLYKVVSYGVRPDTELIDLEEVRRLALEH
RPKVIVAGASAYPRFWDFKAFREIADEVGAYLVVDMAHFAGLVAAGLHPNPLPYAHVVTSTTH(LLP)TLRGPRGGLILS
NDPELGKRIDKLIFPGIQGGPLEHVIAGKAVAFFEALQPEFKEYSRLVVENAKRLAEELARRGYRIVTGGTDNHLFLVDL
RPKGLTGKEAEERLDAVGITVNKNAIPFDPKPPRVTSGIRIGTPAITTRGFTPEEMPLVAELIDRALLEGPSEALREEVR
RLALAHPMP
;
_entity_poly.pdbx_strand_id   A,B
#
loop_
_chem_comp.id
_chem_comp.type
_chem_comp.name
_chem_comp.formula
SO4 non-polymer 'SULFATE ION' 'O4 S -2'
#
# COMPACT_ATOMS: atom_id res chain seq x y z
N LYS A 4 12.71 -21.88 11.29
CA LYS A 4 13.06 -22.69 10.07
C LYS A 4 13.05 -21.73 8.88
N ARG A 5 14.18 -21.57 8.23
CA ARG A 5 14.26 -20.67 7.09
C ARG A 5 13.42 -21.20 5.92
N ASP A 6 12.74 -20.27 5.26
CA ASP A 6 11.90 -20.61 4.11
C ASP A 6 12.81 -20.67 2.87
N GLU A 7 13.51 -21.78 2.74
CA GLU A 7 14.47 -21.99 1.66
C GLU A 7 13.91 -21.77 0.28
N ALA A 8 12.71 -22.29 0.06
CA ALA A 8 12.08 -22.21 -1.24
C ALA A 8 11.88 -20.77 -1.71
N LEU A 9 11.45 -19.92 -0.79
CA LEU A 9 11.19 -18.52 -1.09
C LEU A 9 12.51 -17.77 -1.35
N PHE A 10 13.51 -18.01 -0.50
CA PHE A 10 14.79 -17.33 -0.64
C PHE A 10 15.59 -17.74 -1.87
N GLU A 11 15.35 -18.96 -2.34
CA GLU A 11 15.99 -19.43 -3.57
C GLU A 11 15.44 -18.59 -4.75
N LEU A 12 14.15 -18.28 -4.72
CA LEU A 12 13.52 -17.47 -5.77
C LEU A 12 14.05 -16.04 -5.75
N ILE A 13 14.27 -15.49 -4.56
CA ILE A 13 14.79 -14.13 -4.44
C ILE A 13 16.17 -14.05 -5.06
N ALA A 14 16.97 -15.09 -4.87
CA ALA A 14 18.31 -15.14 -5.43
C ALA A 14 18.25 -15.24 -6.95
N LEU A 15 17.23 -15.92 -7.48
CA LEU A 15 17.05 -16.03 -8.93
C LEU A 15 16.65 -14.68 -9.52
N GLU A 16 15.79 -13.95 -8.83
CA GLU A 16 15.33 -12.64 -9.30
C GLU A 16 16.50 -11.65 -9.34
N GLU A 17 17.39 -11.72 -8.34
CA GLU A 17 18.55 -10.84 -8.30
C GLU A 17 19.46 -11.06 -9.51
N LYS A 18 19.59 -12.32 -9.87
CA LYS A 18 20.43 -12.73 -10.98
C LYS A 18 19.82 -12.19 -12.26
N ARG A 19 18.53 -12.43 -12.41
CA ARG A 19 17.77 -11.95 -13.54
C ARG A 19 18.03 -10.45 -13.66
N GLN A 20 17.90 -9.72 -12.54
CA GLN A 20 18.12 -8.28 -12.54
C GLN A 20 19.53 -7.90 -12.97
N ARG A 21 20.54 -8.62 -12.48
CA ARG A 21 21.94 -8.33 -12.83
C ARG A 21 22.29 -8.60 -14.30
N GLU A 22 21.74 -9.68 -14.85
CA GLU A 22 22.09 -10.12 -16.20
C GLU A 22 21.26 -9.61 -17.35
N GLY A 23 20.40 -8.64 -17.08
CA GLY A 23 19.58 -8.10 -18.15
C GLY A 23 19.63 -6.60 -18.25
N LEU A 24 19.09 -6.08 -19.34
CA LEU A 24 19.02 -4.64 -19.59
C LEU A 24 17.56 -4.23 -19.41
N GLU A 25 17.28 -3.48 -18.36
CA GLU A 25 15.92 -3.03 -18.05
C GLU A 25 15.66 -1.68 -18.72
N LEU A 26 14.81 -1.68 -19.74
CA LEU A 26 14.47 -0.47 -20.47
C LEU A 26 13.03 -0.01 -20.30
N ILE A 27 12.33 -0.59 -19.33
CA ILE A 27 10.94 -0.18 -19.05
C ILE A 27 11.07 1.13 -18.28
N ALA A 28 10.45 2.18 -18.82
CA ALA A 28 10.56 3.55 -18.29
C ALA A 28 10.18 3.79 -16.83
N SER A 29 9.29 2.97 -16.28
CA SER A 29 8.85 3.12 -14.90
C SER A 29 9.67 2.37 -13.87
N GLU A 30 10.75 1.73 -14.36
CA GLU A 30 11.63 0.96 -13.49
C GLU A 30 12.88 1.72 -13.09
N ASN A 31 13.46 1.28 -11.98
CA ASN A 31 14.69 1.85 -11.45
C ASN A 31 15.23 0.84 -10.44
N PHE A 32 16.39 1.15 -9.86
CA PHE A 32 17.01 0.30 -8.86
C PHE A 32 17.30 1.16 -7.63
N VAL A 33 16.69 0.81 -6.51
CA VAL A 33 16.84 1.53 -5.26
C VAL A 33 18.16 1.20 -4.59
N SER A 34 18.64 2.12 -3.77
CA SER A 34 19.89 1.92 -3.07
C SER A 34 19.74 0.92 -1.95
N LYS A 35 20.87 0.45 -1.44
CA LYS A 35 20.91 -0.48 -0.34
C LYS A 35 20.25 0.16 0.90
N GLN A 36 20.52 1.44 1.13
CA GLN A 36 19.98 2.08 2.33
C GLN A 36 18.48 2.28 2.29
N VAL A 37 17.93 2.41 1.08
CA VAL A 37 16.49 2.53 0.94
C VAL A 37 15.87 1.19 1.37
N ARG A 38 16.49 0.10 0.94
CA ARG A 38 16.01 -1.25 1.29
C ARG A 38 16.16 -1.55 2.78
N GLU A 39 17.22 -1.03 3.39
CA GLU A 39 17.51 -1.27 4.80
C GLU A 39 16.41 -0.65 5.66
N ALA A 40 15.95 0.53 5.25
CA ALA A 40 14.89 1.23 5.96
C ALA A 40 13.54 0.52 5.78
N VAL A 41 13.27 0.07 4.56
CA VAL A 41 12.04 -0.64 4.24
C VAL A 41 11.96 -1.98 4.97
N GLY A 42 13.11 -2.61 5.17
CA GLY A 42 13.16 -3.88 5.88
C GLY A 42 13.42 -3.73 7.38
N SER A 43 13.17 -2.53 7.91
CA SER A 43 13.39 -2.26 9.34
C SER A 43 12.21 -2.67 10.21
N VAL A 44 12.38 -2.52 11.53
CA VAL A 44 11.34 -2.90 12.48
C VAL A 44 10.20 -1.88 12.55
N LEU A 45 10.30 -0.80 11.80
CA LEU A 45 9.22 0.20 11.82
C LEU A 45 7.90 -0.37 11.32
N THR A 46 7.94 -1.52 10.64
CA THR A 46 6.73 -2.19 10.17
C THR A 46 5.86 -2.64 11.33
N ASN A 47 6.46 -2.83 12.51
CA ASN A 47 5.73 -3.33 13.68
C ASN A 47 4.74 -2.34 14.32
N LYS A 48 4.99 -1.05 14.15
CA LYS A 48 4.16 -0.01 14.74
C LYS A 48 2.89 0.37 13.99
N TYR A 49 1.77 0.44 14.73
CA TYR A 49 0.53 0.92 14.17
C TYR A 49 0.56 2.40 14.50
N ALA A 50 0.39 3.25 13.50
CA ALA A 50 0.46 4.69 13.68
C ALA A 50 -0.61 5.49 12.91
N GLU A 51 -1.86 5.04 12.95
CA GLU A 51 -2.94 5.76 12.30
C GLU A 51 -2.95 7.19 12.85
N GLY A 52 -3.20 8.14 11.97
CA GLY A 52 -3.20 9.54 12.36
C GLY A 52 -2.06 10.26 11.67
N TYR A 53 -1.64 11.37 12.27
CA TYR A 53 -0.57 12.20 11.76
C TYR A 53 0.30 12.59 12.94
N PRO A 54 1.54 13.04 12.68
CA PRO A 54 2.46 13.39 13.77
C PRO A 54 1.82 14.30 14.81
N GLY A 55 1.91 13.89 16.07
CA GLY A 55 1.33 14.67 17.15
C GLY A 55 -0.15 14.40 17.41
N ALA A 56 -0.79 13.63 16.53
CA ALA A 56 -2.22 13.32 16.67
C ALA A 56 -2.45 11.90 16.17
N ARG A 57 -2.01 10.94 16.98
CA ARG A 57 -2.14 9.53 16.63
C ARG A 57 -3.20 8.83 17.44
N TYR A 58 -3.67 7.71 16.89
CA TYR A 58 -4.69 6.87 17.55
C TYR A 58 -4.09 5.71 18.37
N TYR A 59 -2.81 5.80 18.72
CA TYR A 59 -2.14 4.78 19.53
C TYR A 59 -1.00 5.42 20.29
N GLY A 60 -0.54 4.77 21.34
CA GLY A 60 0.59 5.34 22.08
C GLY A 60 1.90 4.78 21.51
N GLY A 61 3.02 5.33 21.99
CA GLY A 61 4.32 4.84 21.56
C GLY A 61 4.81 5.29 20.20
N CYS A 62 4.18 6.34 19.67
CA CYS A 62 4.53 6.87 18.34
C CYS A 62 5.56 8.01 18.33
N GLU A 63 6.14 8.33 19.49
CA GLU A 63 7.11 9.42 19.60
C GLU A 63 8.28 9.38 18.59
N VAL A 64 8.83 8.20 18.29
CA VAL A 64 9.92 8.12 17.32
C VAL A 64 9.36 8.12 15.90
N ILE A 65 8.28 7.39 15.69
CA ILE A 65 7.64 7.31 14.39
C ILE A 65 7.25 8.72 13.91
N ASP A 66 6.84 9.58 14.83
CA ASP A 66 6.46 10.94 14.45
C ASP A 66 7.64 11.71 13.90
N ARG A 67 8.82 11.47 14.43
CA ARG A 67 10.04 12.16 13.96
C ARG A 67 10.40 11.66 12.56
N VAL A 68 10.19 10.37 12.31
CA VAL A 68 10.47 9.80 11.01
C VAL A 68 9.54 10.42 9.96
N GLU A 69 8.25 10.42 10.24
CA GLU A 69 7.27 10.96 9.30
C GLU A 69 7.42 12.47 9.03
N SER A 70 7.72 13.26 10.07
CA SER A 70 7.93 14.71 9.97
C SER A 70 9.16 15.00 9.10
N LEU A 71 10.17 14.17 9.27
CA LEU A 71 11.40 14.27 8.52
C LEU A 71 11.13 14.02 7.03
N ALA A 72 10.31 13.01 6.71
CA ALA A 72 9.97 12.73 5.32
C ALA A 72 9.15 13.88 4.72
N ILE A 73 8.22 14.41 5.51
CA ILE A 73 7.38 15.54 5.09
C ILE A 73 8.22 16.81 4.81
N GLU A 74 9.10 17.17 5.74
CA GLU A 74 9.93 18.36 5.60
C GLU A 74 10.93 18.25 4.46
N ARG A 75 11.47 17.07 4.25
CA ARG A 75 12.42 16.88 3.15
C ARG A 75 11.70 16.92 1.80
N ALA A 76 10.46 16.46 1.78
CA ALA A 76 9.67 16.48 0.55
C ALA A 76 9.37 17.95 0.16
N LYS A 77 9.01 18.76 1.16
CA LYS A 77 8.70 20.18 0.98
C LYS A 77 9.91 20.96 0.47
N ALA A 78 11.07 20.71 1.08
CA ALA A 78 12.30 21.37 0.68
C ALA A 78 12.76 20.96 -0.73
N LEU A 79 12.60 19.68 -1.05
CA LEU A 79 13.00 19.14 -2.33
C LEU A 79 12.18 19.68 -3.50
N PHE A 80 10.85 19.68 -3.35
CA PHE A 80 9.95 20.14 -4.41
C PHE A 80 9.47 21.59 -4.34
N GLY A 81 9.73 22.27 -3.23
CA GLY A 81 9.29 23.65 -3.07
C GLY A 81 7.80 23.70 -2.72
N ALA A 82 7.38 22.90 -1.75
CA ALA A 82 5.98 22.83 -1.37
C ALA A 82 5.69 23.34 0.04
N ALA A 83 4.41 23.64 0.29
CA ALA A 83 3.94 24.14 1.59
C ALA A 83 3.35 23.00 2.44
N TRP A 84 2.91 21.94 1.78
CA TRP A 84 2.30 20.80 2.45
C TRP A 84 2.66 19.51 1.74
N ALA A 85 2.63 18.42 2.48
CA ALA A 85 2.92 17.11 1.94
C ALA A 85 2.28 16.03 2.80
N ASN A 86 1.92 14.93 2.15
CA ASN A 86 1.34 13.76 2.81
C ASN A 86 2.18 12.62 2.27
N VAL A 87 2.87 11.91 3.16
CA VAL A 87 3.75 10.82 2.77
C VAL A 87 3.20 9.42 3.01
N GLN A 88 1.94 9.35 3.42
CA GLN A 88 1.29 8.07 3.74
C GLN A 88 0.66 7.24 2.60
N PRO A 89 0.42 7.81 1.39
CA PRO A 89 -0.21 6.94 0.37
C PRO A 89 0.58 5.69 0.06
N HIS A 90 -0.11 4.55 0.06
CA HIS A 90 0.53 3.25 -0.20
C HIS A 90 1.13 3.10 -1.61
N SER A 91 0.63 3.87 -2.56
CA SER A 91 1.05 3.80 -3.95
C SER A 91 0.59 5.04 -4.70
N GLY A 92 1.00 5.19 -5.95
CA GLY A 92 0.57 6.33 -6.73
C GLY A 92 -0.94 6.30 -6.89
N SER A 93 -1.51 5.11 -7.04
CA SER A 93 -2.96 4.97 -7.19
C SER A 93 -3.78 5.47 -5.99
N GLN A 94 -3.33 5.17 -4.77
CA GLN A 94 -4.05 5.63 -3.59
C GLN A 94 -3.88 7.13 -3.41
N ALA A 95 -2.77 7.67 -3.88
CA ALA A 95 -2.56 9.11 -3.82
C ALA A 95 -3.61 9.81 -4.69
N ASN A 96 -3.80 9.30 -5.90
CA ASN A 96 -4.78 9.82 -6.84
C ASN A 96 -6.21 9.63 -6.32
N MET A 97 -6.48 8.46 -5.76
CA MET A 97 -7.80 8.19 -5.21
C MET A 97 -8.18 9.19 -4.11
N ALA A 98 -7.27 9.43 -3.16
CA ALA A 98 -7.53 10.35 -2.05
C ALA A 98 -7.86 11.77 -2.53
N VAL A 99 -7.12 12.25 -3.52
CA VAL A 99 -7.34 13.58 -4.09
C VAL A 99 -8.70 13.69 -4.79
N TYR A 100 -9.02 12.74 -5.64
CA TYR A 100 -10.30 12.71 -6.36
C TYR A 100 -11.48 12.74 -5.38
N MET A 101 -11.39 11.89 -4.35
CA MET A 101 -12.44 11.80 -3.34
C MET A 101 -12.53 13.04 -2.46
N ALA A 102 -11.45 13.80 -2.37
CA ALA A 102 -11.44 15.02 -1.58
C ALA A 102 -12.01 16.20 -2.37
N LEU A 103 -11.88 16.14 -3.69
CA LEU A 103 -12.31 17.21 -4.57
C LEU A 103 -13.64 16.97 -5.27
N MET A 104 -14.00 15.70 -5.45
CA MET A 104 -15.23 15.37 -6.16
C MET A 104 -16.16 14.44 -5.40
N GLU A 105 -17.39 14.37 -5.91
CA GLU A 105 -18.39 13.45 -5.38
C GLU A 105 -18.64 12.50 -6.54
N PRO A 106 -19.08 11.27 -6.26
CA PRO A 106 -19.35 10.36 -7.36
C PRO A 106 -20.31 11.04 -8.35
N GLY A 107 -20.16 10.75 -9.64
CA GLY A 107 -21.02 11.39 -10.62
C GLY A 107 -20.41 12.64 -11.22
N ASP A 108 -19.42 13.24 -10.56
CA ASP A 108 -18.75 14.44 -11.09
C ASP A 108 -17.92 14.10 -12.34
N THR A 109 -17.48 15.13 -13.06
CA THR A 109 -16.71 14.93 -14.27
C THR A 109 -15.21 15.20 -14.13
N LEU A 110 -14.47 14.21 -14.59
CA LEU A 110 -13.01 14.19 -14.54
C LEU A 110 -12.49 14.23 -15.97
N MET A 111 -11.49 15.08 -16.19
CA MET A 111 -10.88 15.18 -17.50
C MET A 111 -9.43 14.72 -17.39
N GLY A 112 -9.09 13.72 -18.20
CA GLY A 112 -7.75 13.17 -18.16
C GLY A 112 -7.25 12.79 -19.53
N MET A 113 -5.98 12.41 -19.60
CA MET A 113 -5.39 12.03 -20.85
C MET A 113 -5.81 10.60 -21.22
N ASP A 114 -6.30 10.46 -22.44
CA ASP A 114 -6.74 9.17 -22.95
C ASP A 114 -5.63 8.14 -22.79
N LEU A 115 -6.01 6.94 -22.34
CA LEU A 115 -5.08 5.85 -22.12
C LEU A 115 -4.29 5.56 -23.39
N ALA A 116 -4.98 5.55 -24.54
CA ALA A 116 -4.33 5.25 -25.82
C ALA A 116 -3.29 6.31 -26.22
N ALA A 117 -3.43 7.52 -25.67
CA ALA A 117 -2.52 8.60 -26.01
C ALA A 117 -1.39 8.78 -25.01
N GLY A 118 -1.38 7.98 -23.96
CA GLY A 118 -0.33 8.09 -22.95
C GLY A 118 -0.81 8.22 -21.51
N GLY A 119 -2.10 8.46 -21.31
CA GLY A 119 -2.63 8.60 -19.96
C GLY A 119 -2.44 7.33 -19.15
N HIS A 120 -2.63 7.45 -17.83
CA HIS A 120 -2.50 6.33 -16.92
C HIS A 120 -3.90 5.81 -16.58
N LEU A 121 -3.98 4.57 -16.11
CA LEU A 121 -5.24 3.94 -15.74
C LEU A 121 -6.09 4.78 -14.80
N THR A 122 -5.43 5.50 -13.90
CA THR A 122 -6.12 6.31 -12.90
C THR A 122 -6.58 7.67 -13.40
N HIS A 123 -6.44 7.91 -14.71
CA HIS A 123 -6.85 9.20 -15.28
C HIS A 123 -8.18 9.09 -16.03
N GLY A 124 -8.99 8.07 -15.72
CA GLY A 124 -10.29 7.92 -16.36
C GLY A 124 -10.65 6.60 -17.02
N SER A 125 -9.85 5.55 -16.85
CA SER A 125 -10.13 4.28 -17.47
C SER A 125 -11.42 3.68 -16.89
N ARG A 126 -12.26 3.12 -17.76
CA ARG A 126 -13.52 2.53 -17.34
C ARG A 126 -13.38 1.31 -16.43
N VAL A 127 -12.27 0.59 -16.54
CA VAL A 127 -12.04 -0.58 -15.70
C VAL A 127 -11.39 -0.20 -14.36
N ASN A 128 -11.07 1.08 -14.22
CA ASN A 128 -10.43 1.60 -13.02
C ASN A 128 -11.45 2.37 -12.20
N PHE A 129 -11.18 2.56 -10.92
CA PHE A 129 -12.11 3.31 -10.06
C PHE A 129 -12.40 4.72 -10.62
N SER A 130 -11.40 5.32 -11.27
CA SER A 130 -11.54 6.64 -11.86
C SER A 130 -12.71 6.72 -12.86
N GLY A 131 -12.86 5.70 -13.71
CA GLY A 131 -13.94 5.70 -14.69
C GLY A 131 -15.23 5.05 -14.20
N LYS A 132 -15.20 4.50 -13.01
CA LYS A 132 -16.37 3.84 -12.43
C LYS A 132 -17.17 4.80 -11.56
N LEU A 133 -16.46 5.64 -10.80
CA LEU A 133 -17.09 6.58 -9.90
C LEU A 133 -17.43 7.92 -10.53
N TYR A 134 -16.66 8.30 -11.54
CA TYR A 134 -16.86 9.58 -12.20
C TYR A 134 -17.14 9.45 -13.69
N LYS A 135 -17.65 10.53 -14.27
CA LYS A 135 -17.91 10.63 -15.71
C LYS A 135 -16.58 11.11 -16.25
N VAL A 136 -16.17 10.58 -17.38
CA VAL A 136 -14.87 10.90 -17.92
C VAL A 136 -14.90 11.46 -19.33
N VAL A 137 -14.02 12.44 -19.52
CA VAL A 137 -13.84 13.13 -20.78
C VAL A 137 -12.34 13.05 -21.00
N SER A 138 -11.92 12.57 -22.15
CA SER A 138 -10.49 12.44 -22.40
C SER A 138 -9.93 13.33 -23.51
N TYR A 139 -8.67 13.73 -23.33
CA TYR A 139 -7.96 14.51 -24.34
C TYR A 139 -6.79 13.65 -24.79
N GLY A 140 -6.27 13.92 -25.99
CA GLY A 140 -5.19 13.10 -26.51
C GLY A 140 -4.12 13.92 -27.18
N VAL A 141 -3.59 13.41 -28.28
CA VAL A 141 -2.56 14.09 -29.04
C VAL A 141 -3.03 14.26 -30.48
N ARG A 142 -2.41 15.19 -31.18
CA ARG A 142 -2.81 15.44 -32.55
C ARG A 142 -2.15 14.44 -33.47
N PRO A 143 -2.87 14.00 -34.52
CA PRO A 143 -2.23 13.03 -35.42
C PRO A 143 -1.06 13.67 -36.15
N ASP A 144 -1.13 14.98 -36.37
CA ASP A 144 -0.07 15.66 -37.09
C ASP A 144 1.14 16.12 -36.28
N THR A 145 0.92 16.57 -35.05
CA THR A 145 2.04 17.03 -34.22
C THR A 145 2.51 15.96 -33.25
N GLU A 146 1.63 14.99 -32.97
CA GLU A 146 1.88 13.91 -32.03
C GLU A 146 2.05 14.51 -30.63
N LEU A 147 1.57 15.74 -30.47
CA LEU A 147 1.64 16.46 -29.20
C LEU A 147 0.26 16.88 -28.77
N ILE A 148 0.13 17.21 -27.49
CA ILE A 148 -1.13 17.69 -26.93
C ILE A 148 -1.50 19.02 -27.62
N ASP A 149 -2.79 19.25 -27.77
CA ASP A 149 -3.29 20.48 -28.38
C ASP A 149 -4.08 21.22 -27.31
N LEU A 150 -3.50 22.28 -26.79
CA LEU A 150 -4.13 23.05 -25.74
C LEU A 150 -5.46 23.66 -26.14
N GLU A 151 -5.70 23.79 -27.44
CA GLU A 151 -6.96 24.36 -27.90
C GLU A 151 -8.05 23.32 -27.81
N GLU A 152 -7.67 22.08 -28.10
CA GLU A 152 -8.57 20.93 -28.02
C GLU A 152 -8.96 20.70 -26.56
N VAL A 153 -7.98 20.82 -25.66
CA VAL A 153 -8.18 20.64 -24.22
C VAL A 153 -9.18 21.68 -23.71
N ARG A 154 -8.97 22.93 -24.11
CA ARG A 154 -9.82 24.05 -23.71
C ARG A 154 -11.26 23.87 -24.18
N ARG A 155 -11.41 23.54 -25.46
CA ARG A 155 -12.73 23.32 -26.03
C ARG A 155 -13.48 22.27 -25.22
N LEU A 156 -12.82 21.14 -24.97
CA LEU A 156 -13.41 20.06 -24.18
C LEU A 156 -13.78 20.52 -22.77
N ALA A 157 -12.92 21.34 -22.17
CA ALA A 157 -13.16 21.83 -20.81
C ALA A 157 -14.38 22.74 -20.74
N LEU A 158 -14.54 23.59 -21.76
CA LEU A 158 -15.66 24.52 -21.84
C LEU A 158 -16.97 23.78 -22.12
N GLU A 159 -16.86 22.73 -22.92
CA GLU A 159 -18.00 21.94 -23.32
C GLU A 159 -18.49 21.01 -22.21
N HIS A 160 -17.58 20.42 -21.48
CA HIS A 160 -17.94 19.45 -20.44
C HIS A 160 -17.89 19.93 -19.00
N ARG A 161 -17.18 21.02 -18.75
CA ARG A 161 -17.08 21.58 -17.41
C ARG A 161 -16.70 20.53 -16.37
N PRO A 162 -15.50 19.95 -16.52
CA PRO A 162 -15.04 18.97 -15.54
C PRO A 162 -14.75 19.69 -14.23
N LYS A 163 -14.91 18.97 -13.14
CA LYS A 163 -14.68 19.50 -11.80
C LYS A 163 -13.18 19.45 -11.50
N VAL A 164 -12.53 18.50 -12.15
CA VAL A 164 -11.10 18.24 -12.01
C VAL A 164 -10.47 17.92 -13.38
N ILE A 165 -9.31 18.53 -13.66
CA ILE A 165 -8.55 18.27 -14.87
C ILE A 165 -7.19 17.75 -14.40
N VAL A 166 -6.79 16.60 -14.92
CA VAL A 166 -5.50 16.01 -14.56
C VAL A 166 -4.49 16.18 -15.69
N ALA A 167 -3.29 16.62 -15.33
CA ALA A 167 -2.22 16.80 -16.29
C ALA A 167 -1.12 15.84 -15.85
N GLY A 168 -0.43 15.26 -16.81
CA GLY A 168 0.60 14.29 -16.48
C GLY A 168 0.17 13.02 -17.18
N ALA A 169 1.13 12.14 -17.43
CA ALA A 169 0.85 10.92 -18.16
C ALA A 169 1.95 9.90 -17.94
N SER A 170 1.75 8.70 -18.46
CA SER A 170 2.73 7.66 -18.24
C SER A 170 3.58 7.40 -19.48
N ALA A 171 3.17 7.95 -20.61
CA ALA A 171 3.92 7.79 -21.84
C ALA A 171 3.81 9.02 -22.72
N TYR A 172 4.32 10.16 -22.23
CA TYR A 172 4.28 11.40 -22.98
C TYR A 172 5.70 11.91 -22.90
N PRO A 173 6.39 11.98 -24.05
CA PRO A 173 7.81 12.32 -24.06
C PRO A 173 8.21 13.77 -24.05
N ARG A 174 7.25 14.67 -23.95
CA ARG A 174 7.56 16.09 -23.99
C ARG A 174 7.11 16.83 -22.75
N PHE A 175 7.62 18.04 -22.60
CA PHE A 175 7.27 18.87 -21.46
C PHE A 175 5.80 19.22 -21.47
N TRP A 176 5.31 19.59 -20.30
CA TRP A 176 3.93 20.01 -20.11
C TRP A 176 3.91 21.51 -19.84
N ASP A 177 2.90 22.18 -20.36
CA ASP A 177 2.73 23.61 -20.13
C ASP A 177 1.71 23.74 -18.98
N PHE A 178 2.21 23.71 -17.76
CA PHE A 178 1.34 23.76 -16.58
C PHE A 178 0.57 25.06 -16.41
N LYS A 179 1.15 26.16 -16.87
CA LYS A 179 0.50 27.45 -16.74
C LYS A 179 -0.77 27.47 -17.60
N ALA A 180 -0.64 26.95 -18.81
CA ALA A 180 -1.76 26.89 -19.76
C ALA A 180 -2.88 26.03 -19.20
N PHE A 181 -2.49 24.94 -18.53
CA PHE A 181 -3.46 24.05 -17.92
C PHE A 181 -4.22 24.73 -16.79
N ARG A 182 -3.51 25.48 -15.96
CA ARG A 182 -4.13 26.20 -14.86
C ARG A 182 -5.08 27.30 -15.39
N GLU A 183 -4.74 27.91 -16.52
CA GLU A 183 -5.58 28.95 -17.13
C GLU A 183 -6.91 28.34 -17.58
N ILE A 184 -6.82 27.20 -18.24
CA ILE A 184 -8.00 26.49 -18.71
C ILE A 184 -8.86 26.05 -17.54
N ALA A 185 -8.22 25.58 -16.48
CA ALA A 185 -8.92 25.15 -15.28
C ALA A 185 -9.64 26.31 -14.57
N ASP A 186 -8.99 27.46 -14.51
CA ASP A 186 -9.60 28.63 -13.87
C ASP A 186 -10.78 29.12 -14.72
N GLU A 187 -10.65 29.02 -16.04
CA GLU A 187 -11.69 29.49 -16.94
C GLU A 187 -13.02 28.74 -16.74
N VAL A 188 -12.94 27.50 -16.30
CA VAL A 188 -14.15 26.69 -16.09
C VAL A 188 -14.37 26.35 -14.62
N GLY A 189 -13.55 26.90 -13.74
CA GLY A 189 -13.74 26.66 -12.32
C GLY A 189 -13.33 25.29 -11.82
N ALA A 190 -12.46 24.61 -12.54
CA ALA A 190 -12.02 23.27 -12.12
C ALA A 190 -10.71 23.30 -11.35
N TYR A 191 -10.45 22.21 -10.64
CA TYR A 191 -9.20 22.05 -9.90
C TYR A 191 -8.22 21.44 -10.88
N LEU A 192 -6.94 21.80 -10.79
CA LEU A 192 -5.95 21.21 -11.67
C LEU A 192 -5.12 20.29 -10.82
N VAL A 193 -5.08 19.02 -11.22
CA VAL A 193 -4.28 18.04 -10.52
C VAL A 193 -3.21 17.58 -11.48
N VAL A 194 -1.97 17.63 -11.01
CA VAL A 194 -0.84 17.18 -11.81
C VAL A 194 -0.27 15.92 -11.17
N ASP A 195 -0.26 14.86 -11.97
CA ASP A 195 0.28 13.56 -11.57
C ASP A 195 1.67 13.48 -12.22
N MET A 196 2.70 13.79 -11.44
CA MET A 196 4.07 13.80 -11.95
C MET A 196 4.86 12.53 -11.65
N ALA A 197 4.15 11.44 -11.35
CA ALA A 197 4.80 10.19 -11.00
C ALA A 197 5.99 9.83 -11.89
N HIS A 198 5.82 9.87 -13.20
CA HIS A 198 6.88 9.48 -14.08
C HIS A 198 8.08 10.39 -14.06
N PHE A 199 7.85 11.70 -14.07
CA PHE A 199 8.93 12.66 -14.14
C PHE A 199 9.30 13.39 -12.84
N ALA A 200 8.79 12.92 -11.70
CA ALA A 200 9.08 13.54 -10.41
C ALA A 200 10.57 13.72 -10.13
N GLY A 201 11.38 12.73 -10.52
CA GLY A 201 12.80 12.80 -10.30
C GLY A 201 13.43 13.97 -11.03
N LEU A 202 12.96 14.23 -12.24
CA LEU A 202 13.49 15.31 -13.07
C LEU A 202 13.07 16.67 -12.51
N VAL A 203 11.87 16.72 -11.93
CA VAL A 203 11.39 17.95 -11.34
C VAL A 203 12.27 18.31 -10.14
N ALA A 204 12.61 17.29 -9.35
CA ALA A 204 13.44 17.49 -8.17
C ALA A 204 14.83 17.96 -8.55
N ALA A 205 15.29 17.48 -9.70
CA ALA A 205 16.61 17.85 -10.21
C ALA A 205 16.55 19.15 -11.02
N GLY A 206 15.36 19.75 -11.12
CA GLY A 206 15.20 21.01 -11.84
C GLY A 206 15.38 20.91 -13.34
N LEU A 207 15.19 19.72 -13.90
CA LEU A 207 15.35 19.50 -15.34
C LEU A 207 14.01 19.40 -16.04
N HIS A 208 12.94 19.64 -15.29
CA HIS A 208 11.60 19.58 -15.84
C HIS A 208 10.79 20.65 -15.12
N PRO A 209 9.92 21.37 -15.84
CA PRO A 209 9.12 22.42 -15.20
C PRO A 209 8.41 21.88 -13.95
N ASN A 210 8.40 22.67 -12.88
CA ASN A 210 7.78 22.26 -11.63
C ASN A 210 6.30 22.64 -11.61
N PRO A 211 5.41 21.66 -11.42
CA PRO A 211 3.96 21.96 -11.40
C PRO A 211 3.43 22.60 -10.12
N LEU A 212 4.23 22.59 -9.05
CA LEU A 212 3.78 23.13 -7.74
C LEU A 212 3.05 24.47 -7.76
N PRO A 213 3.61 25.49 -8.42
CA PRO A 213 2.92 26.80 -8.40
C PRO A 213 1.62 26.90 -9.20
N TYR A 214 1.41 25.97 -10.13
CA TYR A 214 0.26 26.04 -11.04
C TYR A 214 -0.91 25.11 -10.73
N ALA A 215 -0.59 23.96 -10.14
CA ALA A 215 -1.61 22.98 -9.81
C ALA A 215 -2.16 23.25 -8.43
N HIS A 216 -3.37 22.77 -8.17
CA HIS A 216 -3.95 22.91 -6.86
C HIS A 216 -3.33 21.82 -6.00
N VAL A 217 -3.15 20.64 -6.60
CA VAL A 217 -2.57 19.48 -5.91
C VAL A 217 -1.68 18.71 -6.87
N VAL A 218 -0.62 18.12 -6.32
CA VAL A 218 0.31 17.33 -7.11
C VAL A 218 0.47 15.96 -6.44
N THR A 219 0.40 14.90 -7.24
CA THR A 219 0.54 13.55 -6.73
C THR A 219 1.71 12.94 -7.47
N SER A 220 2.27 11.89 -6.87
CA SER A 220 3.41 11.23 -7.44
C SER A 220 3.62 9.88 -6.78
N THR A 221 4.53 9.12 -7.36
CA THR A 221 4.95 7.87 -6.78
C THR A 221 6.28 8.25 -6.17
N THR A 222 6.82 7.42 -5.28
CA THR A 222 8.14 7.68 -4.72
C THR A 222 9.18 6.85 -5.48
N HIS A 223 8.73 5.84 -6.21
CA HIS A 223 9.60 5.04 -7.04
C HIS A 223 9.59 5.68 -8.43
N1 LLP A 224 -0.08 7.67 -12.28
C2 LLP A 224 0.95 7.81 -13.15
C2' LLP A 224 0.93 8.95 -14.12
C3 LLP A 224 1.99 6.82 -13.08
O3 LLP A 224 3.04 6.92 -13.94
C4 LLP A 224 1.88 5.74 -12.07
C4' LLP A 224 2.96 4.77 -12.01
C5 LLP A 224 0.70 5.76 -11.22
C6 LLP A 224 -0.25 6.75 -11.36
C5' LLP A 224 0.44 4.70 -10.15
OP4 LLP A 224 1.37 4.30 -9.22
P LLP A 224 1.28 2.82 -8.45
OP1 LLP A 224 1.57 1.71 -9.46
OP2 LLP A 224 2.25 2.88 -7.24
OP3 LLP A 224 -0.17 2.62 -7.97
N LLP A 224 10.19 5.08 -9.46
CA LLP A 224 10.30 5.55 -10.87
CB LLP A 224 8.97 6.18 -11.44
CG LLP A 224 7.85 5.14 -11.48
CD LLP A 224 6.57 5.59 -12.17
CE LLP A 224 5.43 4.48 -12.22
NZ LLP A 224 4.17 5.23 -12.25
C LLP A 224 11.51 6.55 -10.96
O LLP A 224 12.58 6.19 -10.44
H2'1 LLP A 224 0.05 8.98 -14.76
H2'2 LLP A 224 1.80 8.88 -14.78
H2'3 LLP A 224 1.00 9.90 -13.58
H4'1 LLP A 224 2.76 3.75 -11.74
H6 LLP A 224 -1.13 6.76 -10.73
H5'1 LLP A 224 0.17 3.79 -10.71
H5'2 LLP A 224 -0.44 5.04 -9.59
D LLP A 224 10.65 4.18 -9.33
HA LLP A 224 10.57 4.69 -11.52
HB2 LLP A 224 9.18 6.50 -12.49
HB3 LLP A 224 8.67 7.06 -10.85
HG2 LLP A 224 7.57 4.87 -10.45
HG3 LLP A 224 8.20 4.25 -12.01
HD2 LLP A 224 6.85 5.83 -13.21
HD3 LLP A 224 6.17 6.48 -11.68
HE2 LLP A 224 5.50 3.89 -11.28
HE3 LLP A 224 5.53 3.81 -13.07
D1Z LLP A 224 -0.79 8.37 -12.34
N THR A 225 11.44 7.73 -11.59
CA THR A 225 12.57 8.64 -11.71
C THR A 225 13.11 9.15 -10.38
N LEU A 226 12.27 9.18 -9.37
CA LEU A 226 12.67 9.65 -8.03
C LEU A 226 13.54 8.59 -7.31
N ARG A 227 13.54 7.38 -7.85
CA ARG A 227 14.37 6.28 -7.36
C ARG A 227 14.18 5.88 -5.89
N GLY A 228 12.97 6.01 -5.38
CA GLY A 228 12.70 5.67 -3.99
C GLY A 228 11.92 4.38 -3.87
N PRO A 229 11.43 4.06 -2.66
CA PRO A 229 10.65 2.82 -2.50
C PRO A 229 9.29 2.98 -3.14
N ARG A 230 8.62 1.86 -3.43
CA ARG A 230 7.30 1.89 -4.02
C ARG A 230 6.30 2.50 -3.03
N GLY A 231 5.58 3.54 -3.46
CA GLY A 231 4.61 4.20 -2.60
C GLY A 231 4.15 5.49 -3.26
N GLY A 232 3.22 6.19 -2.61
CA GLY A 232 2.73 7.44 -3.16
C GLY A 232 3.16 8.66 -2.37
N LEU A 233 2.78 9.83 -2.89
CA LEU A 233 3.13 11.10 -2.29
C LEU A 233 2.13 12.15 -2.78
N ILE A 234 1.85 13.15 -1.94
CA ILE A 234 0.95 14.24 -2.33
C ILE A 234 1.58 15.54 -1.84
N LEU A 235 1.52 16.57 -2.68
CA LEU A 235 2.10 17.89 -2.39
C LEU A 235 1.14 18.98 -2.84
N SER A 236 1.36 20.20 -2.33
CA SER A 236 0.54 21.34 -2.70
C SER A 236 1.16 22.58 -2.12
N ASN A 237 0.75 23.73 -2.65
CA ASN A 237 1.21 25.00 -2.13
C ASN A 237 0.09 25.54 -1.23
N ASP A 238 -0.99 24.76 -1.10
CA ASP A 238 -2.13 25.17 -0.26
C ASP A 238 -2.42 24.26 0.94
N PRO A 239 -1.93 24.64 2.14
CA PRO A 239 -2.12 23.88 3.39
C PRO A 239 -3.56 23.61 3.78
N GLU A 240 -4.48 24.51 3.40
CA GLU A 240 -5.90 24.34 3.73
C GLU A 240 -6.45 23.18 2.92
N LEU A 241 -6.10 23.13 1.64
CA LEU A 241 -6.54 22.04 0.79
C LEU A 241 -5.85 20.74 1.32
N GLY A 242 -4.59 20.88 1.72
CA GLY A 242 -3.85 19.76 2.27
C GLY A 242 -4.56 19.09 3.44
N LYS A 243 -5.03 19.89 4.38
CA LYS A 243 -5.74 19.38 5.56
C LYS A 243 -6.94 18.51 5.15
N ARG A 244 -7.68 18.97 4.15
CA ARG A 244 -8.82 18.24 3.62
C ARG A 244 -8.35 16.89 3.07
N ILE A 245 -7.26 16.92 2.32
CA ILE A 245 -6.72 15.69 1.71
C ILE A 245 -6.16 14.72 2.76
N ASP A 246 -5.60 15.25 3.84
CA ASP A 246 -5.10 14.41 4.90
C ASP A 246 -6.24 13.54 5.46
N LYS A 247 -7.45 14.10 5.54
CA LYS A 247 -8.59 13.38 6.08
C LYS A 247 -9.05 12.26 5.17
N LEU A 248 -8.85 12.44 3.86
CA LEU A 248 -9.23 11.41 2.89
C LEU A 248 -8.25 10.24 2.87
N ILE A 249 -7.00 10.49 3.23
CA ILE A 249 -6.00 9.42 3.30
C ILE A 249 -6.32 8.60 4.55
N PHE A 250 -6.57 9.31 5.64
CA PHE A 250 -6.94 8.70 6.90
C PHE A 250 -7.83 9.64 7.69
N PRO A 251 -9.00 9.17 8.16
CA PRO A 251 -9.59 7.83 8.04
C PRO A 251 -10.31 7.51 6.71
N GLY A 252 -10.16 8.37 5.72
CA GLY A 252 -10.83 8.18 4.44
C GLY A 252 -10.66 6.87 3.69
N ILE A 253 -9.48 6.63 3.13
CA ILE A 253 -9.27 5.40 2.36
C ILE A 253 -8.22 4.41 2.86
N GLN A 254 -7.35 4.80 3.79
CA GLN A 254 -6.34 3.90 4.29
C GLN A 254 -6.52 3.69 5.78
N GLY A 255 -5.78 2.73 6.32
CA GLY A 255 -5.82 2.46 7.73
C GLY A 255 -4.44 2.79 8.27
N GLY A 256 -3.74 1.78 8.78
CA GLY A 256 -2.39 2.03 9.26
C GLY A 256 -1.39 2.31 8.14
N PRO A 257 -0.51 3.32 8.29
CA PRO A 257 0.49 3.60 7.26
C PRO A 257 1.66 2.64 7.36
N LEU A 258 2.41 2.51 6.27
CA LEU A 258 3.60 1.66 6.21
C LEU A 258 4.77 2.56 6.61
N GLU A 259 5.06 2.65 7.91
CA GLU A 259 6.09 3.56 8.40
C GLU A 259 7.52 3.18 8.02
N HIS A 260 7.73 1.90 7.72
CA HIS A 260 9.03 1.45 7.28
C HIS A 260 9.27 1.93 5.85
N VAL A 261 8.20 2.08 5.09
CA VAL A 261 8.30 2.57 3.71
C VAL A 261 8.47 4.09 3.72
N ILE A 262 7.84 4.75 4.68
CA ILE A 262 7.96 6.20 4.86
C ILE A 262 9.39 6.55 5.24
N ALA A 263 10.04 5.68 6.00
CA ALA A 263 11.43 5.87 6.36
C ALA A 263 12.27 5.79 5.08
N GLY A 264 11.94 4.83 4.22
CA GLY A 264 12.63 4.66 2.94
C GLY A 264 12.41 5.84 2.03
N LYS A 265 11.26 6.49 2.17
CA LYS A 265 10.92 7.65 1.36
C LYS A 265 11.79 8.82 1.81
N ALA A 266 11.95 8.93 3.13
CA ALA A 266 12.76 9.98 3.74
C ALA A 266 14.20 9.83 3.22
N VAL A 267 14.66 8.58 3.14
CA VAL A 267 16.01 8.28 2.65
C VAL A 267 16.12 8.70 1.18
N ALA A 268 15.11 8.35 0.39
CA ALA A 268 15.10 8.69 -1.03
C ALA A 268 15.12 10.20 -1.24
N PHE A 269 14.42 10.93 -0.38
CA PHE A 269 14.40 12.39 -0.50
C PHE A 269 15.79 12.93 -0.18
N PHE A 270 16.43 12.33 0.81
CA PHE A 270 17.77 12.72 1.23
C PHE A 270 18.76 12.53 0.08
N GLU A 271 18.60 11.41 -0.64
CA GLU A 271 19.45 11.10 -1.77
C GLU A 271 19.20 12.11 -2.87
N ALA A 272 17.94 12.50 -3.05
CA ALA A 272 17.57 13.46 -4.10
C ALA A 272 18.01 14.90 -3.81
N LEU A 273 18.22 15.21 -2.54
CA LEU A 273 18.65 16.53 -2.13
C LEU A 273 20.16 16.74 -2.33
N GLN A 274 20.87 15.66 -2.62
CA GLN A 274 22.32 15.70 -2.84
C GLN A 274 22.65 16.11 -4.28
N PRO A 275 23.72 16.89 -4.47
CA PRO A 275 24.07 17.28 -5.84
C PRO A 275 24.22 16.09 -6.79
N GLU A 276 24.72 14.96 -6.29
CA GLU A 276 24.91 13.78 -7.14
C GLU A 276 23.64 13.33 -7.83
N PHE A 277 22.49 13.65 -7.25
CA PHE A 277 21.23 13.27 -7.88
C PHE A 277 20.95 14.11 -9.12
N LYS A 278 21.40 15.35 -9.12
CA LYS A 278 21.20 16.22 -10.26
C LYS A 278 22.04 15.70 -11.45
N GLU A 279 23.21 15.16 -11.15
CA GLU A 279 24.09 14.60 -12.20
C GLU A 279 23.51 13.33 -12.77
N TYR A 280 22.98 12.48 -11.91
CA TYR A 280 22.35 11.23 -12.36
C TYR A 280 21.21 11.56 -13.33
N SER A 281 20.33 12.47 -12.93
CA SER A 281 19.17 12.89 -13.73
C SER A 281 19.52 13.52 -15.07
N ARG A 282 20.62 14.27 -15.08
CA ARG A 282 21.11 14.91 -16.29
C ARG A 282 21.49 13.78 -17.25
N LEU A 283 22.17 12.77 -16.73
CA LEU A 283 22.58 11.60 -17.52
C LEU A 283 21.39 10.80 -18.02
N VAL A 284 20.35 10.71 -17.21
CA VAL A 284 19.15 9.98 -17.58
C VAL A 284 18.61 10.59 -18.89
N VAL A 285 18.49 11.91 -18.90
CA VAL A 285 17.98 12.64 -20.05
C VAL A 285 18.92 12.58 -21.27
N GLU A 286 20.22 12.69 -21.05
CA GLU A 286 21.16 12.64 -22.15
C GLU A 286 21.15 11.24 -22.75
N ASN A 287 21.00 10.22 -21.91
CA ASN A 287 20.95 8.83 -22.41
C ASN A 287 19.72 8.58 -23.28
N ALA A 288 18.58 9.10 -22.84
CA ALA A 288 17.33 8.94 -23.59
C ALA A 288 17.41 9.61 -24.96
N LYS A 289 17.84 10.87 -24.97
CA LYS A 289 17.99 11.64 -26.20
C LYS A 289 18.96 10.99 -27.20
N ARG A 290 20.10 10.55 -26.66
CA ARG A 290 21.16 9.91 -27.45
C ARG A 290 20.71 8.56 -27.95
N LEU A 291 20.02 7.78 -27.11
CA LEU A 291 19.55 6.47 -27.53
C LEU A 291 18.49 6.63 -28.63
N ALA A 292 17.64 7.63 -28.50
CA ALA A 292 16.61 7.88 -29.51
C ALA A 292 17.27 8.22 -30.84
N GLU A 293 18.31 9.04 -30.80
CA GLU A 293 19.03 9.40 -32.02
C GLU A 293 19.68 8.19 -32.67
N GLU A 294 20.33 7.37 -31.87
CA GLU A 294 21.01 6.18 -32.40
C GLU A 294 20.04 5.22 -33.06
N LEU A 295 18.84 5.07 -32.49
CA LEU A 295 17.81 4.23 -33.08
C LEU A 295 17.26 4.85 -34.37
N ALA A 296 17.11 6.18 -34.38
CA ALA A 296 16.60 6.86 -35.57
C ALA A 296 17.59 6.66 -36.70
N ARG A 297 18.87 6.69 -36.35
CA ARG A 297 19.95 6.54 -37.31
C ARG A 297 19.95 5.13 -37.91
N ARG A 298 19.39 4.19 -37.16
CA ARG A 298 19.32 2.82 -37.59
C ARG A 298 18.00 2.45 -38.27
N GLY A 299 17.20 3.46 -38.60
CA GLY A 299 15.96 3.19 -39.33
C GLY A 299 14.63 3.21 -38.62
N TYR A 300 14.58 3.69 -37.39
CA TYR A 300 13.33 3.77 -36.66
C TYR A 300 12.91 5.26 -36.59
N ARG A 301 11.62 5.50 -36.39
CA ARG A 301 11.12 6.86 -36.28
C ARG A 301 10.74 7.12 -34.83
N ILE A 302 11.17 8.25 -34.30
CA ILE A 302 10.86 8.59 -32.92
C ILE A 302 9.64 9.51 -32.88
N VAL A 303 8.61 9.10 -32.13
CA VAL A 303 7.39 9.91 -32.02
C VAL A 303 7.77 11.28 -31.46
N THR A 304 7.24 12.35 -32.07
CA THR A 304 7.55 13.74 -31.72
C THR A 304 8.95 14.11 -32.15
N GLY A 305 9.66 13.15 -32.76
CA GLY A 305 11.02 13.38 -33.23
C GLY A 305 12.12 13.33 -32.18
N GLY A 306 11.77 13.05 -30.92
CA GLY A 306 12.76 13.00 -29.86
C GLY A 306 12.10 12.95 -28.50
N THR A 307 12.71 13.61 -27.53
CA THR A 307 12.18 13.61 -26.16
C THR A 307 12.84 14.69 -25.30
N ASP A 308 12.06 15.18 -24.33
CA ASP A 308 12.50 16.19 -23.36
C ASP A 308 12.74 15.51 -22.02
N ASN A 309 12.39 14.25 -21.88
CA ASN A 309 12.55 13.57 -20.58
C ASN A 309 13.32 12.24 -20.61
N HIS A 310 12.92 11.32 -19.73
CA HIS A 310 13.58 10.02 -19.56
C HIS A 310 13.08 8.90 -20.45
N LEU A 311 12.02 9.15 -21.22
CA LEU A 311 11.44 8.13 -22.07
C LEU A 311 11.17 8.60 -23.51
N PHE A 312 10.98 7.65 -24.41
CA PHE A 312 10.65 7.97 -25.79
C PHE A 312 9.92 6.78 -26.40
N LEU A 313 9.13 7.05 -27.43
CA LEU A 313 8.31 6.04 -28.10
C LEU A 313 8.90 5.77 -29.47
N VAL A 314 9.05 4.51 -29.80
CA VAL A 314 9.60 4.13 -31.08
C VAL A 314 8.50 3.64 -32.01
N ASP A 315 8.44 4.22 -33.20
CA ASP A 315 7.50 3.85 -34.24
C ASP A 315 8.22 2.77 -35.05
N LEU A 316 7.74 1.54 -34.94
CA LEU A 316 8.35 0.38 -35.58
C LEU A 316 7.89 0.13 -37.02
N ARG A 317 6.92 0.93 -37.50
CA ARG A 317 6.40 0.77 -38.87
C ARG A 317 7.49 0.74 -39.95
N PRO A 318 8.52 1.60 -39.86
CA PRO A 318 9.55 1.58 -40.90
C PRO A 318 10.19 0.20 -41.12
N LYS A 319 10.15 -0.65 -40.10
CA LYS A 319 10.73 -2.00 -40.19
C LYS A 319 9.70 -3.12 -40.22
N GLY A 320 8.43 -2.76 -40.34
CA GLY A 320 7.39 -3.77 -40.45
C GLY A 320 7.09 -4.62 -39.24
N LEU A 321 7.41 -4.13 -38.04
CA LEU A 321 7.15 -4.88 -36.82
C LEU A 321 6.00 -4.29 -36.01
N THR A 322 5.46 -5.11 -35.11
CA THR A 322 4.41 -4.62 -34.20
C THR A 322 5.08 -4.56 -32.84
N GLY A 323 4.50 -3.81 -31.90
CA GLY A 323 5.09 -3.69 -30.58
C GLY A 323 5.14 -5.02 -29.84
N LYS A 324 4.13 -5.85 -30.05
CA LYS A 324 4.06 -7.17 -29.42
C LYS A 324 5.24 -8.06 -29.85
N GLU A 325 5.50 -8.11 -31.15
CA GLU A 325 6.62 -8.92 -31.68
C GLU A 325 7.95 -8.39 -31.14
N ALA A 326 8.14 -7.08 -31.18
CA ALA A 326 9.37 -6.45 -30.71
C ALA A 326 9.59 -6.75 -29.22
N GLU A 327 8.49 -6.72 -28.48
CA GLU A 327 8.51 -6.99 -27.05
C GLU A 327 9.08 -8.39 -26.81
N GLU A 328 8.49 -9.39 -27.46
CA GLU A 328 8.93 -10.79 -27.32
C GLU A 328 10.37 -11.04 -27.75
N ARG A 329 10.76 -10.49 -28.89
CA ARG A 329 12.10 -10.69 -29.42
C ARG A 329 13.15 -10.11 -28.47
N LEU A 330 12.82 -8.97 -27.89
CA LEU A 330 13.74 -8.30 -26.97
C LEU A 330 13.80 -9.03 -25.62
N ASP A 331 12.65 -9.52 -25.18
CA ASP A 331 12.56 -10.24 -23.91
C ASP A 331 13.37 -11.54 -23.98
N ALA A 332 13.48 -12.10 -25.17
CA ALA A 332 14.20 -13.35 -25.38
C ALA A 332 15.72 -13.22 -25.27
N VAL A 333 16.23 -12.00 -25.39
CA VAL A 333 17.67 -11.78 -25.25
C VAL A 333 17.99 -10.97 -24.00
N GLY A 334 17.02 -10.86 -23.10
CA GLY A 334 17.27 -10.15 -21.85
C GLY A 334 17.04 -8.65 -21.86
N ILE A 335 16.31 -8.14 -22.85
CA ILE A 335 16.02 -6.71 -22.94
C ILE A 335 14.52 -6.51 -22.81
N THR A 336 14.12 -5.83 -21.74
CA THR A 336 12.73 -5.61 -21.43
C THR A 336 12.31 -4.18 -21.71
N VAL A 337 11.27 -4.09 -22.55
CA VAL A 337 10.62 -2.85 -22.96
C VAL A 337 9.14 -3.22 -22.90
N ASN A 338 8.24 -2.31 -23.27
CA ASN A 338 6.83 -2.65 -23.34
C ASN A 338 6.21 -2.00 -24.56
N LYS A 339 5.27 -2.70 -25.18
CA LYS A 339 4.61 -2.18 -26.35
C LYS A 339 3.84 -0.92 -25.96
N ASN A 340 3.65 -0.05 -26.92
CA ASN A 340 2.95 1.19 -26.68
C ASN A 340 2.39 1.67 -28.01
N ALA A 341 1.13 2.04 -28.03
CA ALA A 341 0.51 2.53 -29.23
C ALA A 341 1.15 3.86 -29.63
N ILE A 342 1.17 4.14 -30.93
CA ILE A 342 1.69 5.40 -31.42
C ILE A 342 0.45 6.22 -31.73
N PRO A 343 0.59 7.54 -31.92
CA PRO A 343 -0.59 8.37 -32.20
C PRO A 343 -1.43 7.83 -33.36
N PHE A 344 -2.69 7.49 -33.08
CA PHE A 344 -3.62 6.94 -34.11
C PHE A 344 -3.03 5.71 -34.76
N ASP A 345 -2.68 4.76 -33.91
CA ASP A 345 -2.06 3.53 -34.32
C ASP A 345 -2.97 2.73 -35.26
N PRO A 346 -2.45 2.29 -36.42
CA PRO A 346 -3.27 1.51 -37.35
C PRO A 346 -3.55 0.08 -36.84
N LYS A 347 -2.90 -0.29 -35.74
CA LYS A 347 -3.05 -1.61 -35.12
C LYS A 347 -3.82 -1.55 -33.79
N PRO A 348 -4.58 -2.61 -33.46
CA PRO A 348 -5.31 -2.65 -32.20
C PRO A 348 -4.39 -2.43 -30.99
N PRO A 349 -4.96 -2.09 -29.82
CA PRO A 349 -4.18 -1.80 -28.61
C PRO A 349 -3.38 -2.95 -28.02
N ARG A 350 -3.80 -4.18 -28.29
CA ARG A 350 -3.10 -5.35 -27.78
C ARG A 350 -1.92 -5.74 -28.68
N VAL A 351 -1.78 -5.04 -29.81
CA VAL A 351 -0.70 -5.32 -30.76
C VAL A 351 0.25 -4.13 -30.86
N THR A 352 -0.31 -2.98 -31.24
CA THR A 352 0.38 -1.70 -31.40
C THR A 352 1.51 -1.73 -32.44
N SER A 353 1.98 -0.54 -32.80
CA SER A 353 3.06 -0.41 -33.75
C SER A 353 4.30 0.21 -33.12
N GLY A 354 4.35 0.27 -31.79
CA GLY A 354 5.50 0.87 -31.15
C GLY A 354 5.88 0.28 -29.80
N ILE A 355 6.94 0.84 -29.24
CA ILE A 355 7.42 0.45 -27.93
C ILE A 355 7.90 1.69 -27.20
N ARG A 356 7.83 1.64 -25.88
CA ARG A 356 8.30 2.72 -25.03
C ARG A 356 9.63 2.27 -24.45
N ILE A 357 10.59 3.17 -24.40
CA ILE A 357 11.90 2.89 -23.83
C ILE A 357 12.23 4.00 -22.84
N GLY A 358 12.85 3.63 -21.73
CA GLY A 358 13.25 4.58 -20.70
C GLY A 358 14.63 4.20 -20.17
N THR A 359 15.45 5.20 -19.86
CA THR A 359 16.81 5.02 -19.38
C THR A 359 17.08 5.18 -17.88
N PRO A 360 16.06 5.52 -17.06
CA PRO A 360 16.43 5.72 -15.65
C PRO A 360 17.15 4.55 -15.00
N ALA A 361 16.70 3.33 -15.29
CA ALA A 361 17.30 2.14 -14.70
C ALA A 361 18.74 1.85 -15.12
N ILE A 362 19.02 1.82 -16.42
CA ILE A 362 20.39 1.57 -16.89
C ILE A 362 21.40 2.66 -16.48
N THR A 363 20.90 3.88 -16.33
CA THR A 363 21.72 5.02 -15.92
C THR A 363 22.18 4.83 -14.49
N THR A 364 21.29 4.31 -13.67
CA THR A 364 21.58 4.04 -12.27
C THR A 364 22.65 2.98 -12.23
N ARG A 365 22.66 2.14 -13.26
CA ARG A 365 23.65 1.08 -13.37
C ARG A 365 24.97 1.54 -14.00
N GLY A 366 25.11 2.86 -14.18
CA GLY A 366 26.34 3.39 -14.72
C GLY A 366 26.45 3.56 -16.22
N PHE A 367 25.38 3.34 -16.98
CA PHE A 367 25.46 3.54 -18.42
C PHE A 367 25.61 5.03 -18.73
N THR A 368 26.46 5.35 -19.70
CA THR A 368 26.66 6.73 -20.11
C THR A 368 26.32 6.90 -21.60
N PRO A 369 26.13 8.16 -22.05
CA PRO A 369 25.75 8.44 -23.44
C PRO A 369 26.62 7.81 -24.53
N GLU A 370 27.92 7.65 -24.25
CA GLU A 370 28.83 7.05 -25.21
C GLU A 370 28.55 5.56 -25.43
N GLU A 371 27.78 4.96 -24.53
CA GLU A 371 27.46 3.54 -24.64
C GLU A 371 26.13 3.28 -25.33
N MET A 372 25.34 4.33 -25.50
CA MET A 372 24.04 4.20 -26.14
C MET A 372 24.12 3.61 -27.54
N PRO A 373 25.14 3.99 -28.32
CA PRO A 373 25.23 3.40 -29.66
C PRO A 373 25.24 1.86 -29.62
N LEU A 374 25.93 1.30 -28.63
CA LEU A 374 26.02 -0.15 -28.46
C LEU A 374 24.66 -0.75 -28.10
N VAL A 375 23.96 -0.11 -27.18
CA VAL A 375 22.64 -0.56 -26.77
C VAL A 375 21.71 -0.52 -27.97
N ALA A 376 21.84 0.52 -28.80
CA ALA A 376 21.00 0.69 -29.98
C ALA A 376 21.24 -0.45 -30.98
N GLU A 377 22.49 -0.88 -31.11
CA GLU A 377 22.84 -1.95 -32.03
C GLU A 377 22.23 -3.29 -31.59
N LEU A 378 22.31 -3.58 -30.30
CA LEU A 378 21.77 -4.83 -29.73
C LEU A 378 20.25 -4.95 -29.93
N ILE A 379 19.57 -3.82 -29.74
CA ILE A 379 18.13 -3.75 -29.90
C ILE A 379 17.77 -4.02 -31.36
N ASP A 380 18.48 -3.35 -32.25
CA ASP A 380 18.26 -3.50 -33.70
C ASP A 380 18.53 -4.93 -34.17
N ARG A 381 19.63 -5.54 -33.70
CA ARG A 381 19.95 -6.91 -34.09
C ARG A 381 18.88 -7.87 -33.59
N ALA A 382 18.43 -7.67 -32.36
CA ALA A 382 17.40 -8.53 -31.79
C ALA A 382 16.10 -8.46 -32.59
N LEU A 383 15.75 -7.27 -33.04
CA LEU A 383 14.51 -7.08 -33.78
C LEU A 383 14.58 -7.62 -35.21
N LEU A 384 15.74 -7.50 -35.84
CA LEU A 384 15.93 -7.94 -37.22
C LEU A 384 16.42 -9.37 -37.36
N GLU A 385 17.32 -9.81 -36.49
CA GLU A 385 17.87 -11.16 -36.55
C GLU A 385 17.05 -12.08 -35.68
N GLY A 386 16.37 -11.50 -34.71
CA GLY A 386 15.56 -12.28 -33.80
C GLY A 386 16.44 -12.83 -32.69
N PRO A 387 15.86 -13.52 -31.72
CA PRO A 387 16.69 -14.04 -30.62
C PRO A 387 17.69 -15.12 -31.04
N SER A 388 18.84 -15.13 -30.37
CA SER A 388 19.89 -16.13 -30.57
C SER A 388 20.69 -16.17 -29.27
N GLU A 389 21.35 -17.30 -29.03
CA GLU A 389 22.13 -17.49 -27.80
C GLU A 389 23.30 -16.52 -27.77
N ALA A 390 23.89 -16.28 -28.92
CA ALA A 390 25.06 -15.41 -29.02
C ALA A 390 24.72 -13.97 -28.64
N LEU A 391 23.52 -13.53 -28.99
CA LEU A 391 23.07 -12.18 -28.69
C LEU A 391 22.69 -12.07 -27.21
N ARG A 392 22.10 -13.13 -26.67
CA ARG A 392 21.72 -13.16 -25.27
C ARG A 392 22.96 -13.06 -24.39
N GLU A 393 24.03 -13.73 -24.80
CA GLU A 393 25.29 -13.70 -24.04
C GLU A 393 25.94 -12.33 -24.08
N GLU A 394 25.86 -11.67 -25.22
CA GLU A 394 26.45 -10.34 -25.37
C GLU A 394 25.72 -9.33 -24.47
N VAL A 395 24.41 -9.50 -24.30
CA VAL A 395 23.62 -8.63 -23.44
C VAL A 395 23.97 -8.91 -21.98
N ARG A 396 24.07 -10.19 -21.65
CA ARG A 396 24.41 -10.59 -20.29
C ARG A 396 25.74 -9.98 -19.87
N ARG A 397 26.75 -10.12 -20.71
CA ARG A 397 28.07 -9.58 -20.40
C ARG A 397 28.07 -8.06 -20.23
N LEU A 398 27.35 -7.38 -21.10
CA LEU A 398 27.28 -5.92 -21.05
C LEU A 398 26.62 -5.53 -19.74
N ALA A 399 25.53 -6.22 -19.42
CA ALA A 399 24.80 -5.97 -18.18
C ALA A 399 25.71 -6.18 -16.97
N LEU A 400 26.40 -7.33 -16.94
CA LEU A 400 27.29 -7.65 -15.82
C LEU A 400 28.43 -6.65 -15.62
N ALA A 401 28.89 -6.02 -16.71
CA ALA A 401 29.96 -5.04 -16.64
C ALA A 401 29.50 -3.72 -16.03
N HIS A 402 28.19 -3.61 -15.75
CA HIS A 402 27.59 -2.40 -15.16
C HIS A 402 26.90 -2.83 -13.88
N PRO A 403 27.55 -2.63 -12.71
CA PRO A 403 26.95 -3.12 -11.47
C PRO A 403 25.63 -2.50 -11.03
N MET A 404 25.00 -3.18 -10.09
CA MET A 404 23.76 -2.71 -9.50
C MET A 404 24.12 -2.04 -8.18
N PRO A 405 23.26 -1.14 -7.68
CA PRO A 405 23.55 -0.41 -6.44
C PRO A 405 23.75 -1.31 -5.21
N LYS B 4 26.21 8.98 0.02
CA LYS B 4 26.25 9.35 1.47
C LYS B 4 25.15 8.61 2.21
N ARG B 5 25.46 8.18 3.41
CA ARG B 5 24.49 7.47 4.23
C ARG B 5 23.67 8.50 5.00
N ASP B 6 22.38 8.29 5.03
CA ASP B 6 21.44 9.16 5.72
C ASP B 6 21.48 8.85 7.22
N GLU B 7 22.59 9.22 7.85
CA GLU B 7 22.83 8.96 9.27
C GLU B 7 21.69 9.42 10.16
N ALA B 8 21.10 10.56 9.85
CA ALA B 8 20.02 11.09 10.69
C ALA B 8 18.82 10.14 10.76
N LEU B 9 18.46 9.59 9.60
CA LEU B 9 17.33 8.67 9.49
C LEU B 9 17.59 7.37 10.23
N PHE B 10 18.77 6.78 10.04
CA PHE B 10 19.11 5.52 10.69
C PHE B 10 19.26 5.61 12.20
N GLU B 11 19.59 6.79 12.68
CA GLU B 11 19.69 7.02 14.13
C GLU B 11 18.28 6.94 14.71
N LEU B 12 17.29 7.45 13.98
CA LEU B 12 15.91 7.39 14.43
C LEU B 12 15.41 5.93 14.44
N ILE B 13 15.82 5.15 13.45
CA ILE B 13 15.44 3.74 13.36
C ILE B 13 16.01 2.97 14.55
N ALA B 14 17.22 3.36 14.96
CA ALA B 14 17.88 2.75 16.11
C ALA B 14 17.15 3.11 17.40
N LEU B 15 16.57 4.32 17.44
CA LEU B 15 15.81 4.75 18.61
C LEU B 15 14.51 3.96 18.71
N GLU B 16 13.91 3.66 17.56
CA GLU B 16 12.66 2.89 17.52
C GLU B 16 12.90 1.43 17.94
N GLU B 17 14.05 0.85 17.59
CA GLU B 17 14.37 -0.52 17.98
C GLU B 17 14.53 -0.63 19.51
N LYS B 18 15.03 0.44 20.10
CA LYS B 18 15.30 0.54 21.53
C LYS B 18 13.99 0.68 22.30
N ARG B 19 13.09 1.48 21.76
CA ARG B 19 11.80 1.71 22.36
C ARG B 19 11.03 0.39 22.35
N GLN B 20 11.06 -0.31 21.22
CA GLN B 20 10.37 -1.58 21.11
C GLN B 20 10.96 -2.59 22.09
N ARG B 21 12.27 -2.61 22.19
CA ARG B 21 12.95 -3.54 23.08
C ARG B 21 12.72 -3.22 24.56
N GLU B 22 12.76 -1.93 24.91
CA GLU B 22 12.64 -1.53 26.31
C GLU B 22 11.23 -1.29 26.84
N GLY B 23 10.22 -1.59 26.04
CA GLY B 23 8.85 -1.39 26.48
C GLY B 23 7.98 -2.63 26.39
N LEU B 24 6.76 -2.54 26.92
CA LEU B 24 5.79 -3.63 26.88
C LEU B 24 4.67 -3.18 25.93
N GLU B 25 4.70 -3.71 24.72
CA GLU B 25 3.75 -3.35 23.69
C GLU B 25 2.51 -4.20 23.89
N LEU B 26 1.44 -3.57 24.38
CA LEU B 26 0.18 -4.27 24.62
C LEU B 26 -0.94 -3.88 23.65
N ILE B 27 -0.59 -3.21 22.56
CA ILE B 27 -1.57 -2.85 21.55
C ILE B 27 -1.94 -4.12 20.78
N ALA B 28 -3.20 -4.52 20.89
CA ALA B 28 -3.71 -5.75 20.28
C ALA B 28 -3.44 -5.99 18.79
N SER B 29 -3.30 -4.93 18.01
CA SER B 29 -3.06 -5.06 16.58
C SER B 29 -1.58 -5.08 16.17
N GLU B 30 -0.69 -5.04 17.16
CA GLU B 30 0.75 -5.07 16.89
C GLU B 30 1.37 -6.44 17.17
N ASN B 31 2.54 -6.67 16.59
CA ASN B 31 3.26 -7.91 16.75
C ASN B 31 4.69 -7.60 16.34
N PHE B 32 5.57 -8.59 16.38
CA PHE B 32 6.95 -8.40 15.97
C PHE B 32 7.26 -9.40 14.86
N VAL B 33 7.63 -8.92 13.69
CA VAL B 33 7.93 -9.84 12.59
C VAL B 33 9.31 -10.46 12.71
N SER B 34 9.49 -11.63 12.10
CA SER B 34 10.76 -12.33 12.18
C SER B 34 11.78 -11.66 11.30
N LYS B 35 13.03 -12.04 11.50
CA LYS B 35 14.11 -11.51 10.72
C LYS B 35 13.99 -11.88 9.24
N GLN B 36 13.56 -13.10 8.94
CA GLN B 36 13.44 -13.53 7.56
C GLN B 36 12.29 -12.82 6.84
N VAL B 37 11.25 -12.44 7.57
CA VAL B 37 10.16 -11.68 6.96
C VAL B 37 10.71 -10.33 6.51
N ARG B 38 11.52 -9.72 7.36
CA ARG B 38 12.15 -8.44 7.04
C ARG B 38 13.13 -8.56 5.88
N GLU B 39 13.85 -9.68 5.80
CA GLU B 39 14.80 -9.89 4.73
C GLU B 39 14.10 -9.91 3.37
N ALA B 40 12.94 -10.56 3.28
CA ALA B 40 12.19 -10.61 2.03
C ALA B 40 11.62 -9.24 1.68
N VAL B 41 11.09 -8.53 2.68
CA VAL B 41 10.50 -7.19 2.46
C VAL B 41 11.55 -6.17 2.02
N GLY B 42 12.80 -6.34 2.49
CA GLY B 42 13.86 -5.42 2.11
C GLY B 42 14.67 -5.92 0.92
N SER B 43 14.07 -6.80 0.13
CA SER B 43 14.71 -7.42 -1.03
C SER B 43 14.62 -6.57 -2.29
N VAL B 44 15.31 -7.00 -3.34
CA VAL B 44 15.30 -6.28 -4.61
C VAL B 44 14.02 -6.47 -5.42
N LEU B 45 13.08 -7.26 -4.89
CA LEU B 45 11.83 -7.52 -5.62
C LEU B 45 11.04 -6.24 -5.79
N THR B 46 11.45 -5.20 -5.09
CA THR B 46 10.78 -3.91 -5.16
C THR B 46 11.11 -3.23 -6.49
N ASN B 47 12.11 -3.73 -7.22
CA ASN B 47 12.50 -3.10 -8.49
C ASN B 47 11.78 -3.63 -9.71
N LYS B 48 10.63 -4.25 -9.52
CA LYS B 48 9.91 -4.82 -10.64
C LYS B 48 8.43 -4.50 -10.65
N TYR B 49 7.95 -3.94 -11.76
CA TYR B 49 6.54 -3.61 -11.93
C TYR B 49 5.88 -4.86 -12.45
N ALA B 50 4.98 -5.43 -11.65
CA ALA B 50 4.31 -6.65 -12.03
C ALA B 50 2.80 -6.49 -12.07
N GLU B 51 2.35 -5.43 -12.72
CA GLU B 51 0.93 -5.20 -12.87
C GLU B 51 0.31 -6.42 -13.52
N GLY B 52 -0.79 -6.86 -12.97
CA GLY B 52 -1.45 -8.03 -13.48
C GLY B 52 -1.33 -9.17 -12.50
N TYR B 53 -1.44 -10.39 -13.02
CA TYR B 53 -1.40 -11.57 -12.17
C TYR B 53 -0.44 -12.59 -12.77
N PRO B 54 -0.01 -13.58 -11.97
CA PRO B 54 0.91 -14.58 -12.52
C PRO B 54 0.42 -15.16 -13.84
N GLY B 55 1.33 -15.24 -14.82
CA GLY B 55 0.98 -15.80 -16.11
C GLY B 55 0.23 -14.85 -17.01
N ALA B 56 -0.17 -13.71 -16.45
CA ALA B 56 -0.93 -12.70 -17.21
C ALA B 56 -0.55 -11.27 -16.81
N ARG B 57 0.71 -10.93 -16.96
CA ARG B 57 1.20 -9.60 -16.58
C ARG B 57 1.24 -8.67 -17.77
N TYR B 58 1.19 -7.37 -17.48
CA TYR B 58 1.31 -6.38 -18.53
C TYR B 58 2.71 -6.48 -19.12
N TYR B 59 3.71 -6.45 -18.26
CA TYR B 59 5.11 -6.49 -18.69
C TYR B 59 5.85 -7.84 -18.53
N GLY B 60 6.92 -7.97 -19.33
CA GLY B 60 7.76 -9.15 -19.30
C GLY B 60 8.79 -9.03 -18.19
N GLY B 61 9.56 -10.09 -17.98
CA GLY B 61 10.58 -10.11 -16.95
C GLY B 61 10.04 -10.53 -15.59
N CYS B 62 8.82 -11.08 -15.57
CA CYS B 62 8.19 -11.51 -14.31
C CYS B 62 8.18 -13.02 -14.07
N GLU B 63 8.96 -13.78 -14.84
CA GLU B 63 8.99 -15.23 -14.70
C GLU B 63 9.29 -15.67 -13.25
N VAL B 64 10.18 -14.96 -12.58
CA VAL B 64 10.52 -15.32 -11.20
C VAL B 64 9.49 -14.76 -10.22
N ILE B 65 9.07 -13.52 -10.45
CA ILE B 65 8.06 -12.87 -9.58
C ILE B 65 6.78 -13.70 -9.56
N ASP B 66 6.41 -14.25 -10.72
CA ASP B 66 5.19 -15.05 -10.84
C ASP B 66 5.23 -16.22 -9.90
N ARG B 67 6.40 -16.84 -9.80
CA ARG B 67 6.57 -17.99 -8.90
C ARG B 67 6.48 -17.56 -7.44
N VAL B 68 6.98 -16.37 -7.14
CA VAL B 68 6.93 -15.86 -5.77
C VAL B 68 5.47 -15.59 -5.34
N GLU B 69 4.71 -14.92 -6.21
CA GLU B 69 3.34 -14.57 -5.90
C GLU B 69 2.45 -15.81 -5.81
N SER B 70 2.71 -16.75 -6.71
CA SER B 70 1.98 -18.01 -6.81
C SER B 70 2.16 -18.86 -5.54
N LEU B 71 3.38 -18.89 -5.05
CA LEU B 71 3.70 -19.62 -3.84
C LEU B 71 2.93 -18.99 -2.68
N ALA B 72 2.85 -17.66 -2.65
CA ALA B 72 2.13 -16.95 -1.59
C ALA B 72 0.64 -17.29 -1.70
N ILE B 73 0.14 -17.34 -2.92
CA ILE B 73 -1.26 -17.68 -3.19
C ILE B 73 -1.59 -19.10 -2.71
N GLU B 74 -0.82 -20.08 -3.17
CA GLU B 74 -1.04 -21.48 -2.81
C GLU B 74 -0.88 -21.75 -1.32
N ARG B 75 0.07 -21.09 -0.67
CA ARG B 75 0.28 -21.27 0.75
C ARG B 75 -0.92 -20.74 1.54
N ALA B 76 -1.44 -19.58 1.14
CA ALA B 76 -2.60 -18.99 1.82
C ALA B 76 -3.82 -19.95 1.72
N LYS B 77 -4.03 -20.52 0.53
CA LYS B 77 -5.11 -21.45 0.26
C LYS B 77 -4.97 -22.66 1.18
N ALA B 78 -3.77 -23.22 1.21
CA ALA B 78 -3.48 -24.38 2.02
C ALA B 78 -3.60 -24.07 3.51
N LEU B 79 -3.18 -22.87 3.91
CA LEU B 79 -3.24 -22.48 5.31
C LEU B 79 -4.68 -22.34 5.83
N PHE B 80 -5.54 -21.68 5.05
CA PHE B 80 -6.93 -21.45 5.46
C PHE B 80 -7.97 -22.35 4.80
N GLY B 81 -7.54 -23.25 3.91
CA GLY B 81 -8.46 -24.13 3.23
C GLY B 81 -9.40 -23.41 2.28
N ALA B 82 -8.85 -22.49 1.49
CA ALA B 82 -9.60 -21.71 0.52
C ALA B 82 -9.32 -22.16 -0.92
N ALA B 83 -10.27 -21.95 -1.81
CA ALA B 83 -10.11 -22.34 -3.20
C ALA B 83 -9.45 -21.26 -4.06
N TRP B 84 -9.43 -20.04 -3.53
CA TRP B 84 -8.86 -18.89 -4.23
C TRP B 84 -8.31 -17.88 -3.22
N ALA B 85 -7.30 -17.15 -3.64
CA ALA B 85 -6.67 -16.12 -2.80
C ALA B 85 -6.09 -15.01 -3.67
N ASN B 86 -6.01 -13.83 -3.09
CA ASN B 86 -5.41 -12.67 -3.74
C ASN B 86 -4.51 -12.05 -2.68
N VAL B 87 -3.22 -11.99 -2.97
CA VAL B 87 -2.25 -11.50 -2.01
C VAL B 87 -1.66 -10.13 -2.34
N GLN B 88 -2.30 -9.43 -3.26
CA GLN B 88 -1.83 -8.11 -3.69
C GLN B 88 -2.35 -6.91 -2.89
N PRO B 89 -3.42 -7.07 -2.08
CA PRO B 89 -3.85 -5.84 -1.40
C PRO B 89 -2.79 -5.18 -0.51
N HIS B 90 -2.59 -3.87 -0.70
CA HIS B 90 -1.60 -3.13 0.06
C HIS B 90 -1.88 -3.12 1.55
N SER B 91 -3.13 -3.34 1.95
CA SER B 91 -3.51 -3.28 3.36
C SER B 91 -4.87 -3.95 3.56
N GLY B 92 -5.28 -4.08 4.82
CA GLY B 92 -6.58 -4.67 5.10
C GLY B 92 -7.67 -3.73 4.61
N SER B 93 -7.39 -2.43 4.58
CA SER B 93 -8.37 -1.46 4.09
C SER B 93 -8.61 -1.60 2.58
N GLN B 94 -7.54 -1.80 1.82
CA GLN B 94 -7.65 -1.97 0.38
C GLN B 94 -8.29 -3.32 0.07
N ALA B 95 -8.12 -4.28 0.97
CA ALA B 95 -8.74 -5.58 0.77
C ALA B 95 -10.26 -5.41 0.84
N ASN B 96 -10.71 -4.76 1.90
CA ASN B 96 -12.14 -4.52 2.11
C ASN B 96 -12.71 -3.64 0.99
N MET B 97 -11.96 -2.62 0.60
CA MET B 97 -12.41 -1.70 -0.45
C MET B 97 -12.71 -2.43 -1.75
N ALA B 98 -11.85 -3.38 -2.10
CA ALA B 98 -12.01 -4.14 -3.33
C ALA B 98 -13.22 -5.06 -3.31
N VAL B 99 -13.46 -5.68 -2.17
CA VAL B 99 -14.58 -6.60 -2.00
C VAL B 99 -15.91 -5.85 -2.10
N TYR B 100 -15.99 -4.72 -1.41
CA TYR B 100 -17.18 -3.87 -1.41
C TYR B 100 -17.58 -3.39 -2.81
N MET B 101 -16.57 -2.96 -3.56
CA MET B 101 -16.75 -2.43 -4.91
C MET B 101 -17.09 -3.51 -5.92
N ALA B 102 -16.72 -4.75 -5.59
CA ALA B 102 -16.98 -5.88 -6.47
C ALA B 102 -18.39 -6.45 -6.23
N LEU B 103 -18.90 -6.30 -5.01
CA LEU B 103 -20.23 -6.82 -4.67
C LEU B 103 -21.34 -5.75 -4.66
N MET B 104 -21.00 -4.48 -4.45
CA MET B 104 -21.99 -3.41 -4.39
C MET B 104 -21.77 -2.26 -5.36
N GLU B 105 -22.82 -1.43 -5.49
CA GLU B 105 -22.76 -0.21 -6.28
C GLU B 105 -22.93 0.91 -5.25
N PRO B 106 -22.39 2.10 -5.52
CA PRO B 106 -22.59 3.16 -4.52
C PRO B 106 -24.08 3.33 -4.25
N GLY B 107 -24.44 3.62 -3.01
CA GLY B 107 -25.84 3.76 -2.66
C GLY B 107 -26.42 2.50 -2.02
N ASP B 108 -25.81 1.35 -2.27
CA ASP B 108 -26.31 0.10 -1.69
C ASP B 108 -26.14 0.07 -0.18
N THR B 109 -26.94 -0.78 0.48
CA THR B 109 -26.89 -0.93 1.92
C THR B 109 -25.90 -1.99 2.39
N LEU B 110 -25.07 -1.53 3.32
CA LEU B 110 -24.01 -2.34 3.94
C LEU B 110 -24.32 -2.39 5.42
N MET B 111 -24.17 -3.59 5.99
CA MET B 111 -24.42 -3.77 7.40
C MET B 111 -23.15 -4.22 8.10
N GLY B 112 -22.76 -3.51 9.14
CA GLY B 112 -21.54 -3.85 9.86
C GLY B 112 -21.70 -3.60 11.35
N MET B 113 -20.68 -3.97 12.12
CA MET B 113 -20.73 -3.76 13.55
C MET B 113 -20.45 -2.30 13.85
N ASP B 114 -21.17 -1.76 14.82
CA ASP B 114 -21.00 -0.37 15.23
C ASP B 114 -19.60 -0.15 15.76
N LEU B 115 -18.96 0.93 15.36
CA LEU B 115 -17.61 1.26 15.81
C LEU B 115 -17.51 1.22 17.34
N ALA B 116 -18.50 1.77 18.03
CA ALA B 116 -18.52 1.79 19.49
C ALA B 116 -18.58 0.39 20.09
N ALA B 117 -19.32 -0.50 19.44
CA ALA B 117 -19.45 -1.86 19.92
C ALA B 117 -18.25 -2.73 19.55
N GLY B 118 -17.31 -2.17 18.82
CA GLY B 118 -16.12 -2.92 18.44
C GLY B 118 -15.82 -3.03 16.95
N GLY B 119 -16.64 -2.42 16.08
CA GLY B 119 -16.39 -2.49 14.65
C GLY B 119 -15.18 -1.69 14.19
N HIS B 120 -14.70 -1.97 12.98
CA HIS B 120 -13.55 -1.27 12.41
C HIS B 120 -14.05 -0.11 11.54
N LEU B 121 -13.18 0.87 11.31
CA LEU B 121 -13.49 2.05 10.51
C LEU B 121 -14.07 1.70 9.15
N THR B 122 -13.63 0.57 8.60
CA THR B 122 -14.06 0.11 7.27
C THR B 122 -15.37 -0.66 7.27
N HIS B 123 -16.03 -0.70 8.43
CA HIS B 123 -17.31 -1.38 8.56
C HIS B 123 -18.50 -0.43 8.56
N GLY B 124 -18.33 0.77 8.00
CA GLY B 124 -19.44 1.69 7.92
C GLY B 124 -19.30 3.07 8.54
N SER B 125 -18.11 3.44 9.00
CA SER B 125 -17.94 4.78 9.56
C SER B 125 -18.17 5.88 8.50
N ARG B 126 -18.88 6.93 8.90
CA ARG B 126 -19.17 8.06 8.01
C ARG B 126 -17.92 8.77 7.48
N VAL B 127 -16.83 8.79 8.24
CA VAL B 127 -15.62 9.46 7.80
C VAL B 127 -14.75 8.54 6.95
N ASN B 128 -15.19 7.29 6.78
CA ASN B 128 -14.46 6.32 5.98
C ASN B 128 -15.18 6.13 4.66
N PHE B 129 -14.49 5.61 3.67
CA PHE B 129 -15.11 5.38 2.35
C PHE B 129 -16.33 4.47 2.47
N SER B 130 -16.31 3.56 3.47
CA SER B 130 -17.40 2.63 3.68
C SER B 130 -18.72 3.36 3.95
N GLY B 131 -18.70 4.39 4.78
CA GLY B 131 -19.92 5.13 5.09
C GLY B 131 -20.27 6.28 4.15
N LYS B 132 -19.34 6.64 3.26
CA LYS B 132 -19.54 7.73 2.31
C LYS B 132 -20.20 7.25 1.03
N LEU B 133 -19.77 6.09 0.53
CA LEU B 133 -20.29 5.50 -0.70
C LEU B 133 -21.53 4.64 -0.52
N TYR B 134 -21.65 4.05 0.66
CA TYR B 134 -22.75 3.14 0.97
C TYR B 134 -23.68 3.64 2.09
N LYS B 135 -24.88 3.07 2.17
CA LYS B 135 -25.86 3.42 3.19
C LYS B 135 -25.58 2.41 4.28
N VAL B 136 -25.24 2.86 5.46
CA VAL B 136 -24.87 1.95 6.53
C VAL B 136 -25.91 1.66 7.59
N VAL B 137 -25.97 0.39 8.00
CA VAL B 137 -26.85 -0.08 9.06
C VAL B 137 -25.91 -0.81 10.01
N SER B 138 -26.02 -0.49 11.30
CA SER B 138 -25.11 -1.05 12.30
C SER B 138 -25.78 -1.87 13.38
N TYR B 139 -25.12 -2.96 13.75
CA TYR B 139 -25.56 -3.81 14.84
C TYR B 139 -24.49 -3.68 15.94
N GLY B 140 -24.92 -3.83 17.19
CA GLY B 140 -24.00 -3.71 18.30
C GLY B 140 -24.07 -4.94 19.18
N VAL B 141 -23.97 -4.73 20.48
CA VAL B 141 -24.01 -5.79 21.47
C VAL B 141 -25.08 -5.48 22.52
N ARG B 142 -25.49 -6.51 23.27
CA ARG B 142 -26.49 -6.33 24.32
C ARG B 142 -25.89 -5.51 25.48
N PRO B 143 -26.71 -4.66 26.11
CA PRO B 143 -26.23 -3.80 27.21
C PRO B 143 -25.89 -4.54 28.49
N ASP B 144 -26.43 -5.73 28.63
CA ASP B 144 -26.22 -6.55 29.81
C ASP B 144 -25.01 -7.48 29.70
N THR B 145 -25.01 -8.37 28.71
CA THR B 145 -23.91 -9.31 28.53
C THR B 145 -22.76 -8.71 27.71
N GLU B 146 -23.05 -7.70 26.89
CA GLU B 146 -22.05 -7.06 26.04
C GLU B 146 -21.62 -8.01 24.93
N LEU B 147 -22.48 -9.00 24.65
CA LEU B 147 -22.27 -9.96 23.58
C LEU B 147 -23.20 -9.60 22.41
N ILE B 148 -22.92 -10.17 21.25
CA ILE B 148 -23.76 -9.98 20.07
C ILE B 148 -25.04 -10.79 20.19
N ASP B 149 -26.18 -10.18 19.86
CA ASP B 149 -27.47 -10.86 19.89
C ASP B 149 -27.86 -11.12 18.46
N LEU B 150 -27.80 -12.39 18.06
CA LEU B 150 -28.12 -12.80 16.69
C LEU B 150 -29.54 -12.52 16.22
N GLU B 151 -30.47 -12.39 17.15
CA GLU B 151 -31.85 -12.12 16.77
C GLU B 151 -32.00 -10.64 16.40
N GLU B 152 -31.21 -9.78 17.04
CA GLU B 152 -31.20 -8.35 16.75
C GLU B 152 -30.59 -8.12 15.36
N VAL B 153 -29.56 -8.89 15.03
CA VAL B 153 -28.87 -8.83 13.76
C VAL B 153 -29.83 -9.27 12.66
N ARG B 154 -30.59 -10.34 12.93
CA ARG B 154 -31.55 -10.88 11.99
C ARG B 154 -32.66 -9.87 11.73
N ARG B 155 -33.11 -9.23 12.80
CA ARG B 155 -34.17 -8.23 12.73
C ARG B 155 -33.73 -7.07 11.82
N LEU B 156 -32.54 -6.55 12.07
CA LEU B 156 -32.02 -5.45 11.26
C LEU B 156 -31.90 -5.84 9.79
N ALA B 157 -31.44 -7.06 9.57
CA ALA B 157 -31.27 -7.59 8.22
C ALA B 157 -32.60 -7.68 7.47
N LEU B 158 -33.62 -8.18 8.16
CA LEU B 158 -34.93 -8.31 7.53
C LEU B 158 -35.55 -6.95 7.26
N GLU B 159 -35.32 -6.03 8.19
CA GLU B 159 -35.90 -4.70 8.06
C GLU B 159 -35.22 -3.88 6.95
N HIS B 160 -33.89 -3.87 6.95
CA HIS B 160 -33.11 -3.06 6.01
C HIS B 160 -32.65 -3.74 4.71
N ARG B 161 -32.63 -5.06 4.70
CA ARG B 161 -32.19 -5.84 3.55
C ARG B 161 -30.87 -5.38 2.94
N PRO B 162 -29.76 -5.56 3.67
CA PRO B 162 -28.46 -5.15 3.14
C PRO B 162 -27.99 -6.03 1.97
N LYS B 163 -27.13 -5.46 1.11
CA LYS B 163 -26.56 -6.20 0.00
C LYS B 163 -25.38 -7.04 0.52
N VAL B 164 -24.69 -6.48 1.52
CA VAL B 164 -23.54 -7.09 2.15
C VAL B 164 -23.66 -6.97 3.67
N ILE B 165 -23.33 -8.04 4.38
CA ILE B 165 -23.30 -8.02 5.84
C ILE B 165 -21.86 -8.37 6.21
N VAL B 166 -21.28 -7.58 7.10
CA VAL B 166 -19.90 -7.81 7.53
C VAL B 166 -19.84 -8.32 8.95
N ALA B 167 -19.11 -9.42 9.12
CA ALA B 167 -18.88 -10.04 10.42
C ALA B 167 -17.38 -9.89 10.67
N GLY B 168 -17.01 -9.75 11.93
CA GLY B 168 -15.61 -9.55 12.25
C GLY B 168 -15.51 -8.18 12.84
N ALA B 169 -14.46 -7.92 13.60
CA ALA B 169 -14.31 -6.62 14.25
C ALA B 169 -12.89 -6.44 14.73
N SER B 170 -12.60 -5.25 15.25
CA SER B 170 -11.26 -4.96 15.73
C SER B 170 -11.17 -4.91 17.25
N ALA B 171 -12.33 -4.93 17.91
CA ALA B 171 -12.35 -4.88 19.37
C ALA B 171 -13.46 -5.71 20.04
N TYR B 172 -13.76 -6.89 19.49
CA TYR B 172 -14.76 -7.80 20.07
C TYR B 172 -13.99 -8.99 20.62
N PRO B 173 -14.09 -9.23 21.95
CA PRO B 173 -13.31 -10.31 22.55
C PRO B 173 -13.88 -11.72 22.54
N ARG B 174 -14.98 -11.97 21.83
CA ARG B 174 -15.55 -13.31 21.84
C ARG B 174 -15.65 -13.92 20.47
N PHE B 175 -15.92 -15.21 20.44
CA PHE B 175 -16.03 -15.95 19.20
C PHE B 175 -17.25 -15.50 18.40
N TRP B 176 -17.21 -15.81 17.12
CA TRP B 176 -18.27 -15.48 16.18
C TRP B 176 -18.91 -16.76 15.66
N ASP B 177 -20.23 -16.75 15.55
CA ASP B 177 -20.97 -17.87 15.00
C ASP B 177 -21.18 -17.54 13.52
N PHE B 178 -20.24 -17.96 12.69
CA PHE B 178 -20.29 -17.70 11.26
C PHE B 178 -21.43 -18.43 10.56
N LYS B 179 -21.79 -19.61 11.05
CA LYS B 179 -22.88 -20.36 10.45
C LYS B 179 -24.20 -19.59 10.53
N ALA B 180 -24.48 -19.05 11.72
CA ALA B 180 -25.68 -18.25 11.96
C ALA B 180 -25.69 -16.98 11.12
N PHE B 181 -24.55 -16.31 11.04
CA PHE B 181 -24.44 -15.09 10.24
C PHE B 181 -24.72 -15.37 8.76
N ARG B 182 -24.33 -16.56 8.28
CA ARG B 182 -24.58 -16.92 6.90
C ARG B 182 -26.08 -17.20 6.69
N GLU B 183 -26.70 -17.84 7.68
CA GLU B 183 -28.13 -18.15 7.62
C GLU B 183 -28.88 -16.82 7.46
N ILE B 184 -28.52 -15.85 8.30
CA ILE B 184 -29.13 -14.53 8.25
C ILE B 184 -28.96 -13.89 6.88
N ALA B 185 -27.73 -13.93 6.36
CA ALA B 185 -27.45 -13.38 5.06
C ALA B 185 -28.30 -14.07 3.98
N ASP B 186 -28.47 -15.39 4.11
CA ASP B 186 -29.28 -16.15 3.15
C ASP B 186 -30.75 -15.75 3.20
N GLU B 187 -31.25 -15.43 4.39
CA GLU B 187 -32.64 -15.02 4.51
C GLU B 187 -32.97 -13.76 3.69
N VAL B 188 -31.99 -12.87 3.50
CA VAL B 188 -32.20 -11.63 2.75
C VAL B 188 -31.43 -11.58 1.45
N GLY B 189 -30.78 -12.68 1.07
CA GLY B 189 -30.05 -12.71 -0.19
C GLY B 189 -28.82 -11.81 -0.23
N ALA B 190 -28.20 -11.62 0.92
CA ALA B 190 -27.01 -10.79 1.03
C ALA B 190 -25.74 -11.65 1.03
N TYR B 191 -24.61 -11.01 0.79
CA TYR B 191 -23.30 -11.64 0.79
C TYR B 191 -22.75 -11.52 2.21
N LEU B 192 -22.15 -12.57 2.72
CA LEU B 192 -21.54 -12.50 4.04
C LEU B 192 -20.05 -12.32 3.82
N VAL B 193 -19.55 -11.20 4.33
CA VAL B 193 -18.13 -10.89 4.21
C VAL B 193 -17.60 -10.94 5.63
N VAL B 194 -16.58 -11.76 5.84
CA VAL B 194 -15.97 -11.84 7.14
C VAL B 194 -14.58 -11.21 7.07
N ASP B 195 -14.37 -10.18 7.88
CA ASP B 195 -13.10 -9.50 7.96
C ASP B 195 -12.38 -10.10 9.20
N MET B 196 -11.52 -11.09 8.98
CA MET B 196 -10.83 -11.77 10.10
C MET B 196 -9.43 -11.23 10.44
N ALA B 197 -9.12 -10.02 9.97
CA ALA B 197 -7.84 -9.39 10.19
C ALA B 197 -7.28 -9.61 11.59
N HIS B 198 -8.13 -9.42 12.59
CA HIS B 198 -7.67 -9.55 13.95
C HIS B 198 -7.33 -10.95 14.39
N PHE B 199 -8.22 -11.89 14.10
CA PHE B 199 -8.04 -13.27 14.54
C PHE B 199 -7.54 -14.25 13.49
N ALA B 200 -7.05 -13.75 12.37
CA ALA B 200 -6.58 -14.61 11.29
C ALA B 200 -5.56 -15.65 11.76
N GLY B 201 -4.68 -15.24 12.66
CA GLY B 201 -3.65 -16.13 13.17
C GLY B 201 -4.22 -17.25 14.01
N LEU B 202 -5.25 -16.93 14.80
CA LEU B 202 -5.92 -17.92 15.63
C LEU B 202 -6.69 -18.94 14.77
N VAL B 203 -7.21 -18.49 13.63
CA VAL B 203 -7.92 -19.38 12.71
C VAL B 203 -6.91 -20.33 12.09
N ALA B 204 -5.77 -19.80 11.66
CA ALA B 204 -4.72 -20.61 11.07
C ALA B 204 -4.25 -21.69 12.05
N ALA B 205 -4.22 -21.38 13.34
CA ALA B 205 -3.78 -22.32 14.36
C ALA B 205 -4.89 -23.27 14.84
N GLY B 206 -6.12 -23.05 14.38
CA GLY B 206 -7.23 -23.90 14.77
C GLY B 206 -7.83 -23.55 16.12
N LEU B 207 -7.48 -22.37 16.64
CA LEU B 207 -7.98 -21.93 17.93
C LEU B 207 -9.15 -20.93 17.81
N HIS B 208 -9.66 -20.73 16.60
CA HIS B 208 -10.80 -19.84 16.36
C HIS B 208 -11.63 -20.42 15.22
N PRO B 209 -12.97 -20.38 15.32
CA PRO B 209 -13.78 -20.92 14.23
C PRO B 209 -13.38 -20.31 12.89
N ASN B 210 -13.22 -21.18 11.89
CA ASN B 210 -12.84 -20.78 10.54
C ASN B 210 -14.06 -20.25 9.76
N PRO B 211 -13.97 -19.02 9.22
CA PRO B 211 -15.12 -18.49 8.46
C PRO B 211 -15.24 -18.96 7.02
N LEU B 212 -14.15 -19.51 6.48
CA LEU B 212 -14.09 -19.92 5.07
C LEU B 212 -15.29 -20.69 4.50
N PRO B 213 -15.78 -21.72 5.21
CA PRO B 213 -16.92 -22.47 4.66
C PRO B 213 -18.26 -21.72 4.63
N TYR B 214 -18.43 -20.71 5.48
CA TYR B 214 -19.70 -19.98 5.59
C TYR B 214 -19.79 -18.61 4.91
N ALA B 215 -18.66 -17.91 4.84
CA ALA B 215 -18.67 -16.60 4.25
C ALA B 215 -18.50 -16.72 2.74
N HIS B 216 -18.99 -15.74 1.99
CA HIS B 216 -18.82 -15.74 0.56
C HIS B 216 -17.39 -15.29 0.29
N VAL B 217 -16.95 -14.31 1.07
CA VAL B 217 -15.60 -13.73 0.95
C VAL B 217 -15.03 -13.40 2.32
N VAL B 218 -13.71 -13.55 2.45
CA VAL B 218 -13.01 -13.29 3.69
C VAL B 218 -11.82 -12.36 3.40
N THR B 219 -11.67 -11.31 4.21
CA THR B 219 -10.57 -10.37 4.04
C THR B 219 -9.80 -10.42 5.34
N SER B 220 -8.56 -9.97 5.30
CA SER B 220 -7.70 -9.97 6.46
C SER B 220 -6.47 -9.17 6.15
N THR B 221 -5.72 -8.90 7.20
CA THR B 221 -4.44 -8.24 7.06
C THR B 221 -3.47 -9.43 7.12
N THR B 222 -2.21 -9.22 6.76
CA THR B 222 -1.23 -10.29 6.86
C THR B 222 -0.45 -10.07 8.16
N HIS B 223 -0.56 -8.88 8.70
CA HIS B 223 0.10 -8.56 9.96
C HIS B 223 -0.95 -8.82 11.02
N1 LLP B 224 -10.40 -4.51 9.33
C2 LLP B 224 -10.20 -5.04 10.55
C2' LLP B 224 -11.33 -5.77 11.21
C3 LLP B 224 -8.89 -4.82 11.14
O3 LLP B 224 -8.67 -5.34 12.39
C4 LLP B 224 -7.88 -4.08 10.38
C4' LLP B 224 -6.57 -3.90 10.99
C5 LLP B 224 -8.29 -3.58 9.07
C6 LLP B 224 -9.56 -3.85 8.58
C5' LLP B 224 -7.34 -2.79 8.20
OP4 LLP B 224 -6.01 -3.07 8.02
P LLP B 224 -4.91 -1.89 7.65
OP1 LLP B 224 -4.67 -1.02 8.90
OP2 LLP B 224 -3.65 -2.62 7.11
OP3 LLP B 224 -5.50 -0.97 6.56
N LLP B 224 -0.69 -8.51 12.28
CA LLP B 224 -1.52 -8.67 13.46
CB LLP B 224 -3.04 -8.33 13.22
CG LLP B 224 -3.21 -6.84 12.93
CD LLP B 224 -4.68 -6.40 12.84
CE LLP B 224 -4.90 -4.87 12.52
NZ LLP B 224 -6.16 -4.82 11.82
C LLP B 224 -1.32 -10.11 13.99
O LLP B 224 -0.14 -10.51 14.13
H2'1 LLP B 224 -11.01 -6.54 11.89
H2'2 LLP B 224 -11.94 -6.26 10.44
H2'3 LLP B 224 -11.95 -5.08 11.76
H4'1 LLP B 224 -5.96 -3.03 10.73
H6 LLP B 224 -9.86 -3.48 7.62
H5'1 LLP B 224 -7.36 -1.77 8.60
H5'2 LLP B 224 -7.79 -2.77 7.19
D LLP B 224 0.04 -7.82 12.44
HA LLP B 224 -1.14 -7.99 14.25
HB2 LLP B 224 -3.56 -8.54 14.17
HB3 LLP B 224 -3.48 -8.96 12.43
HG2 LLP B 224 -2.76 -6.59 11.95
HG3 LLP B 224 -2.74 -6.26 13.72
HD2 LLP B 224 -5.12 -6.60 13.84
HD3 LLP B 224 -5.19 -6.99 12.09
HE2 LLP B 224 -4.07 -4.55 11.83
HE3 LLP B 224 -4.89 -4.25 13.42
D1Z LLP B 224 -11.30 -4.68 8.94
N THR B 225 -2.31 -10.95 14.32
CA THR B 225 -2.05 -12.30 14.86
C THR B 225 -1.34 -13.24 13.90
N LEU B 226 -1.49 -13.00 12.61
CA LEU B 226 -0.86 -13.84 11.59
C LEU B 226 0.66 -13.60 11.60
N ARG B 227 1.07 -12.51 12.25
CA ARG B 227 2.48 -12.14 12.42
C ARG B 227 3.30 -11.98 11.12
N GLY B 228 2.64 -11.50 10.07
CA GLY B 228 3.33 -11.29 8.81
C GLY B 228 3.64 -9.83 8.51
N PRO B 229 4.12 -9.52 7.29
CA PRO B 229 4.42 -8.14 6.92
C PRO B 229 3.12 -7.35 6.83
N ARG B 230 3.24 -6.03 6.84
CA ARG B 230 2.08 -5.15 6.79
C ARG B 230 1.47 -5.20 5.38
N GLY B 231 0.22 -5.64 5.28
CA GLY B 231 -0.40 -5.78 3.99
C GLY B 231 -1.74 -6.47 4.08
N GLY B 232 -2.34 -6.70 2.93
CA GLY B 232 -3.67 -7.30 2.90
C GLY B 232 -3.79 -8.67 2.24
N LEU B 233 -4.97 -9.24 2.36
CA LEU B 233 -5.24 -10.57 1.83
C LEU B 233 -6.74 -10.78 1.63
N ILE B 234 -7.10 -11.55 0.61
CA ILE B 234 -8.50 -11.88 0.35
C ILE B 234 -8.62 -13.36 -0.02
N LEU B 235 -9.60 -14.04 0.58
CA LEU B 235 -9.85 -15.47 0.38
C LEU B 235 -11.33 -15.74 0.09
N SER B 236 -11.62 -16.91 -0.46
CA SER B 236 -12.98 -17.30 -0.80
C SER B 236 -13.01 -18.75 -1.25
N ASN B 237 -14.11 -19.44 -0.96
CA ASN B 237 -14.24 -20.81 -1.42
C ASN B 237 -14.91 -20.83 -2.79
N ASP B 238 -15.13 -19.65 -3.36
CA ASP B 238 -15.77 -19.53 -4.67
C ASP B 238 -14.84 -18.87 -5.69
N PRO B 239 -14.18 -19.66 -6.56
CA PRO B 239 -13.27 -19.05 -7.54
C PRO B 239 -13.92 -18.15 -8.60
N GLU B 240 -15.23 -18.24 -8.81
CA GLU B 240 -15.89 -17.42 -9.80
C GLU B 240 -16.02 -16.02 -9.23
N LEU B 241 -16.32 -15.96 -7.94
CA LEU B 241 -16.43 -14.68 -7.24
C LEU B 241 -15.00 -14.12 -7.15
N GLY B 242 -14.04 -15.02 -6.95
CA GLY B 242 -12.66 -14.61 -6.87
C GLY B 242 -12.16 -13.89 -8.11
N LYS B 243 -12.60 -14.33 -9.29
CA LYS B 243 -12.16 -13.71 -10.54
C LYS B 243 -12.65 -12.29 -10.60
N ARG B 244 -13.86 -12.08 -10.08
CA ARG B 244 -14.47 -10.77 -10.07
C ARG B 244 -13.64 -9.83 -9.21
N ILE B 245 -13.30 -10.28 -8.01
CA ILE B 245 -12.54 -9.49 -7.07
C ILE B 245 -11.12 -9.23 -7.53
N ASP B 246 -10.52 -10.18 -8.26
CA ASP B 246 -9.17 -9.97 -8.78
C ASP B 246 -9.16 -8.71 -9.64
N LYS B 247 -10.25 -8.50 -10.36
CA LYS B 247 -10.40 -7.34 -11.24
C LYS B 247 -10.53 -6.02 -10.50
N LEU B 248 -11.10 -6.07 -9.31
CA LEU B 248 -11.26 -4.86 -8.52
C LEU B 248 -9.96 -4.46 -7.84
N ILE B 249 -9.08 -5.42 -7.55
CA ILE B 249 -7.77 -5.10 -6.99
C ILE B 249 -6.93 -4.48 -8.11
N PHE B 250 -6.96 -5.12 -9.29
CA PHE B 250 -6.25 -4.61 -10.45
C PHE B 250 -6.98 -5.03 -11.70
N PRO B 251 -7.30 -4.09 -12.60
CA PRO B 251 -7.00 -2.65 -12.57
C PRO B 251 -7.94 -1.74 -11.76
N GLY B 252 -8.87 -2.30 -11.02
CA GLY B 252 -9.83 -1.51 -10.25
C GLY B 252 -9.34 -0.44 -9.28
N ILE B 253 -8.66 -0.82 -8.19
CA ILE B 253 -8.26 0.14 -7.16
C ILE B 253 -6.77 0.33 -6.89
N GLN B 254 -5.93 -0.56 -7.40
CA GLN B 254 -4.48 -0.44 -7.21
C GLN B 254 -3.79 -0.46 -8.56
N GLY B 255 -2.49 -0.21 -8.54
CA GLY B 255 -1.69 -0.27 -9.75
C GLY B 255 -0.67 -1.38 -9.54
N GLY B 256 0.61 -1.05 -9.49
CA GLY B 256 1.59 -2.09 -9.27
C GLY B 256 1.57 -2.67 -7.85
N PRO B 257 1.64 -4.01 -7.72
CA PRO B 257 1.67 -4.63 -6.38
C PRO B 257 3.06 -4.47 -5.78
N LEU B 258 3.16 -4.68 -4.47
CA LEU B 258 4.44 -4.58 -3.76
C LEU B 258 4.94 -6.01 -3.63
N GLU B 259 5.67 -6.47 -4.65
CA GLU B 259 6.14 -7.87 -4.68
C GLU B 259 7.12 -8.24 -3.58
N HIS B 260 7.89 -7.27 -3.08
CA HIS B 260 8.79 -7.54 -1.98
C HIS B 260 7.97 -7.91 -0.74
N VAL B 261 6.85 -7.21 -0.54
CA VAL B 261 5.96 -7.47 0.59
C VAL B 261 5.26 -8.81 0.45
N ILE B 262 4.89 -9.13 -0.78
CA ILE B 262 4.25 -10.39 -1.13
C ILE B 262 5.21 -11.54 -0.83
N ALA B 263 6.50 -11.35 -1.07
CA ALA B 263 7.48 -12.37 -0.74
C ALA B 263 7.47 -12.59 0.79
N GLY B 264 7.26 -11.51 1.55
CA GLY B 264 7.19 -11.58 3.00
C GLY B 264 5.94 -12.30 3.46
N LYS B 265 4.86 -12.16 2.72
CA LYS B 265 3.60 -12.85 3.04
C LYS B 265 3.80 -14.36 2.90
N ALA B 266 4.54 -14.76 1.85
CA ALA B 266 4.83 -16.17 1.57
C ALA B 266 5.61 -16.77 2.74
N VAL B 267 6.62 -16.03 3.19
CA VAL B 267 7.43 -16.43 4.33
C VAL B 267 6.55 -16.54 5.59
N ALA B 268 5.68 -15.57 5.83
CA ALA B 268 4.79 -15.57 6.99
C ALA B 268 3.83 -16.75 6.95
N PHE B 269 3.32 -17.08 5.76
CA PHE B 269 2.42 -18.21 5.62
C PHE B 269 3.21 -19.51 5.89
N PHE B 270 4.47 -19.50 5.49
CA PHE B 270 5.36 -20.64 5.72
C PHE B 270 5.53 -20.83 7.24
N GLU B 271 5.81 -19.73 7.95
CA GLU B 271 5.98 -19.81 9.39
C GLU B 271 4.69 -20.27 10.10
N ALA B 272 3.55 -19.74 9.66
CA ALA B 272 2.25 -20.11 10.24
C ALA B 272 1.91 -21.58 10.02
N LEU B 273 2.50 -22.18 8.99
CA LEU B 273 2.27 -23.59 8.69
C LEU B 273 3.12 -24.52 9.57
N GLN B 274 4.03 -23.96 10.36
CA GLN B 274 4.88 -24.76 11.23
C GLN B 274 4.21 -25.05 12.55
N PRO B 275 4.43 -26.26 13.12
CA PRO B 275 3.84 -26.64 14.41
C PRO B 275 4.09 -25.60 15.52
N GLU B 276 5.22 -24.91 15.46
CA GLU B 276 5.56 -23.91 16.48
C GLU B 276 4.56 -22.73 16.50
N PHE B 277 3.95 -22.44 15.35
CA PHE B 277 3.00 -21.34 15.29
C PHE B 277 1.76 -21.65 16.12
N LYS B 278 1.34 -22.91 16.14
CA LYS B 278 0.17 -23.28 16.92
C LYS B 278 0.45 -23.09 18.40
N GLU B 279 1.67 -23.46 18.81
CA GLU B 279 2.07 -23.36 20.20
C GLU B 279 2.11 -21.89 20.63
N TYR B 280 2.59 -21.05 19.73
CA TYR B 280 2.62 -19.60 19.99
C TYR B 280 1.20 -19.05 20.19
N SER B 281 0.30 -19.38 19.27
CA SER B 281 -1.08 -18.92 19.31
C SER B 281 -1.82 -19.34 20.57
N ARG B 282 -1.53 -20.56 21.03
CA ARG B 282 -2.16 -21.09 22.23
C ARG B 282 -1.74 -20.21 23.41
N LEU B 283 -0.46 -19.85 23.45
CA LEU B 283 0.06 -19.00 24.51
C LEU B 283 -0.51 -17.59 24.46
N VAL B 284 -0.80 -17.10 23.26
CA VAL B 284 -1.37 -15.77 23.09
C VAL B 284 -2.68 -15.71 23.86
N VAL B 285 -3.54 -16.71 23.60
CA VAL B 285 -4.85 -16.80 24.23
C VAL B 285 -4.74 -16.99 25.74
N GLU B 286 -3.86 -17.90 26.16
CA GLU B 286 -3.65 -18.16 27.58
C GLU B 286 -3.17 -16.89 28.25
N ASN B 287 -2.27 -16.18 27.60
CA ASN B 287 -1.77 -14.94 28.18
C ASN B 287 -2.89 -13.93 28.34
N ALA B 288 -3.72 -13.79 27.31
CA ALA B 288 -4.84 -12.82 27.34
C ALA B 288 -5.84 -13.08 28.48
N LYS B 289 -6.27 -14.33 28.62
CA LYS B 289 -7.23 -14.75 29.63
C LYS B 289 -6.69 -14.47 31.01
N ARG B 290 -5.45 -14.93 31.21
CA ARG B 290 -4.78 -14.77 32.47
C ARG B 290 -4.55 -13.31 32.83
N LEU B 291 -4.17 -12.48 31.84
CA LEU B 291 -3.94 -11.07 32.12
C LEU B 291 -5.25 -10.37 32.48
N ALA B 292 -6.32 -10.74 31.78
CA ALA B 292 -7.65 -10.16 32.04
C ALA B 292 -8.08 -10.55 33.45
N GLU B 293 -7.79 -11.81 33.80
CA GLU B 293 -8.13 -12.34 35.11
C GLU B 293 -7.40 -11.60 36.24
N GLU B 294 -6.09 -11.39 36.06
CA GLU B 294 -5.27 -10.70 37.05
C GLU B 294 -5.70 -9.26 37.25
N LEU B 295 -6.18 -8.65 36.18
CA LEU B 295 -6.65 -7.25 36.25
C LEU B 295 -8.03 -7.20 36.92
N ALA B 296 -8.86 -8.20 36.69
CA ALA B 296 -10.18 -8.25 37.30
C ALA B 296 -10.03 -8.45 38.80
N ARG B 297 -9.03 -9.24 39.20
CA ARG B 297 -8.77 -9.47 40.62
C ARG B 297 -8.37 -8.17 41.32
N ARG B 298 -7.93 -7.18 40.54
CA ARG B 298 -7.49 -5.89 41.08
C ARG B 298 -8.60 -4.84 41.05
N GLY B 299 -9.79 -5.28 40.70
CA GLY B 299 -10.93 -4.39 40.67
C GLY B 299 -11.26 -3.76 39.33
N TYR B 300 -10.59 -4.22 38.28
CA TYR B 300 -10.87 -3.70 36.95
C TYR B 300 -12.01 -4.48 36.29
N ARG B 301 -12.87 -3.77 35.57
CA ARG B 301 -13.99 -4.42 34.89
C ARG B 301 -13.61 -4.77 33.47
N ILE B 302 -13.77 -6.04 33.13
CA ILE B 302 -13.44 -6.53 31.81
C ILE B 302 -14.73 -6.70 31.04
N VAL B 303 -14.79 -6.05 29.89
CA VAL B 303 -15.95 -6.12 29.03
C VAL B 303 -16.21 -7.58 28.67
N THR B 304 -17.47 -7.98 28.81
CA THR B 304 -17.95 -9.34 28.60
C THR B 304 -17.43 -10.29 29.70
N GLY B 305 -16.67 -9.74 30.64
CA GLY B 305 -16.15 -10.54 31.74
C GLY B 305 -14.90 -11.35 31.45
N GLY B 306 -14.49 -11.40 30.18
CA GLY B 306 -13.29 -12.15 29.82
C GLY B 306 -13.01 -12.08 28.34
N THR B 307 -12.41 -13.13 27.79
CA THR B 307 -12.09 -13.17 26.39
C THR B 307 -11.88 -14.60 25.91
N ASP B 308 -12.15 -14.81 24.62
CA ASP B 308 -11.96 -16.10 23.98
C ASP B 308 -10.78 -15.95 23.02
N ASN B 309 -10.24 -14.74 22.90
CA ASN B 309 -9.15 -14.51 21.97
C ASN B 309 -7.92 -13.78 22.53
N HIS B 310 -7.26 -13.03 21.65
CA HIS B 310 -6.01 -12.34 21.98
C HIS B 310 -6.16 -10.98 22.62
N LEU B 311 -7.38 -10.47 22.73
CA LEU B 311 -7.56 -9.14 23.30
C LEU B 311 -8.72 -9.06 24.28
N PHE B 312 -8.78 -7.92 24.96
CA PHE B 312 -9.84 -7.63 25.91
C PHE B 312 -9.89 -6.13 26.13
N LEU B 313 -11.02 -5.66 26.63
CA LEU B 313 -11.25 -4.26 26.88
C LEU B 313 -11.50 -4.06 28.36
N VAL B 314 -10.95 -2.99 28.90
CA VAL B 314 -11.12 -2.64 30.30
C VAL B 314 -11.97 -1.37 30.37
N ASP B 315 -13.04 -1.44 31.17
CA ASP B 315 -13.94 -0.30 31.36
C ASP B 315 -13.38 0.50 32.52
N LEU B 316 -12.89 1.71 32.24
CA LEU B 316 -12.30 2.55 33.28
C LEU B 316 -13.23 3.57 33.93
N ARG B 317 -14.52 3.51 33.64
CA ARG B 317 -15.48 4.45 34.24
C ARG B 317 -15.47 4.38 35.77
N PRO B 318 -15.53 3.16 36.33
CA PRO B 318 -15.54 3.01 37.80
C PRO B 318 -14.33 3.61 38.51
N LYS B 319 -13.24 3.84 37.76
CA LYS B 319 -12.00 4.34 38.34
C LYS B 319 -11.74 5.81 38.06
N GLY B 320 -12.73 6.47 37.45
CA GLY B 320 -12.61 7.88 37.14
C GLY B 320 -11.53 8.26 36.14
N LEU B 321 -11.22 7.36 35.23
CA LEU B 321 -10.19 7.60 34.23
C LEU B 321 -10.74 7.47 32.82
N THR B 322 -10.36 8.41 31.96
CA THR B 322 -10.80 8.34 30.57
C THR B 322 -9.78 7.46 29.84
N GLY B 323 -10.19 6.87 28.74
CA GLY B 323 -9.28 6.01 27.99
C GLY B 323 -8.03 6.79 27.59
N LYS B 324 -8.21 8.04 27.19
CA LYS B 324 -7.11 8.90 26.79
C LYS B 324 -6.08 9.08 27.91
N GLU B 325 -6.56 9.25 29.13
CA GLU B 325 -5.68 9.45 30.27
C GLU B 325 -4.90 8.19 30.59
N ALA B 326 -5.58 7.05 30.58
CA ALA B 326 -4.94 5.76 30.84
C ALA B 326 -3.80 5.51 29.87
N GLU B 327 -4.10 5.69 28.59
CA GLU B 327 -3.13 5.52 27.53
C GLU B 327 -1.89 6.40 27.75
N GLU B 328 -2.09 7.65 28.17
CA GLU B 328 -0.98 8.55 28.40
C GLU B 328 -0.14 8.19 29.62
N ARG B 329 -0.79 7.75 30.69
CA ARG B 329 -0.08 7.34 31.90
C ARG B 329 0.73 6.09 31.66
N LEU B 330 0.16 5.14 30.93
CA LEU B 330 0.85 3.89 30.64
C LEU B 330 2.00 4.15 29.67
N ASP B 331 1.73 4.96 28.65
CA ASP B 331 2.75 5.28 27.67
C ASP B 331 3.95 5.93 28.37
N ALA B 332 3.67 6.72 29.41
CA ALA B 332 4.71 7.41 30.19
C ALA B 332 5.73 6.47 30.82
N VAL B 333 5.32 5.23 31.10
CA VAL B 333 6.21 4.24 31.72
C VAL B 333 6.62 3.10 30.78
N GLY B 334 6.38 3.27 29.48
CA GLY B 334 6.80 2.26 28.52
C GLY B 334 5.79 1.17 28.24
N ILE B 335 4.54 1.39 28.63
CA ILE B 335 3.48 0.42 28.39
C ILE B 335 2.52 1.07 27.39
N THR B 336 2.51 0.54 26.18
CA THR B 336 1.66 1.06 25.11
C THR B 336 0.43 0.21 24.85
N VAL B 337 -0.68 0.92 24.84
CA VAL B 337 -1.99 0.37 24.59
C VAL B 337 -2.65 1.45 23.74
N ASN B 338 -3.97 1.36 23.58
CA ASN B 338 -4.68 2.41 22.89
C ASN B 338 -6.06 2.56 23.51
N LYS B 339 -6.46 3.80 23.76
CA LYS B 339 -7.76 4.05 24.33
C LYS B 339 -8.73 3.42 23.35
N ASN B 340 -9.86 2.96 23.84
CA ASN B 340 -10.82 2.29 23.00
C ASN B 340 -12.21 2.52 23.58
N ALA B 341 -13.14 2.84 22.70
CA ALA B 341 -14.50 3.06 23.10
C ALA B 341 -15.03 1.73 23.58
N ILE B 342 -15.93 1.75 24.55
CA ILE B 342 -16.52 0.54 25.06
C ILE B 342 -18.00 0.54 24.65
N PRO B 343 -18.67 -0.61 24.67
CA PRO B 343 -20.09 -0.60 24.30
C PRO B 343 -20.89 0.40 25.14
N PHE B 344 -21.68 1.24 24.47
CA PHE B 344 -22.51 2.25 25.12
C PHE B 344 -21.68 3.25 25.89
N ASP B 345 -20.56 3.65 25.27
CA ASP B 345 -19.62 4.60 25.84
C ASP B 345 -20.21 6.02 25.95
N PRO B 346 -20.32 6.55 27.18
CA PRO B 346 -20.86 7.92 27.33
C PRO B 346 -19.96 9.02 26.76
N LYS B 347 -18.65 8.79 26.76
CA LYS B 347 -17.68 9.77 26.26
C LYS B 347 -17.43 9.68 24.75
N PRO B 348 -17.11 10.82 24.10
CA PRO B 348 -16.83 10.84 22.66
C PRO B 348 -15.63 9.96 22.29
N PRO B 349 -15.48 9.61 20.99
CA PRO B 349 -14.38 8.74 20.53
C PRO B 349 -12.96 9.28 20.76
N ARG B 350 -12.82 10.60 20.80
CA ARG B 350 -11.52 11.23 21.00
C ARG B 350 -11.03 11.10 22.45
N VAL B 351 -11.94 10.73 23.35
CA VAL B 351 -11.62 10.56 24.77
C VAL B 351 -11.82 9.11 25.24
N THR B 352 -13.00 8.55 24.97
CA THR B 352 -13.36 7.18 25.33
C THR B 352 -13.32 6.96 26.84
N SER B 353 -13.88 5.83 27.25
CA SER B 353 -13.93 5.45 28.66
C SER B 353 -13.11 4.18 28.95
N GLY B 354 -12.37 3.66 27.98
CA GLY B 354 -11.62 2.44 28.22
C GLY B 354 -10.34 2.30 27.40
N ILE B 355 -9.67 1.17 27.58
CA ILE B 355 -8.44 0.86 26.84
C ILE B 355 -8.49 -0.58 26.34
N ARG B 356 -7.91 -0.83 25.17
CA ARG B 356 -7.86 -2.18 24.63
C ARG B 356 -6.46 -2.72 24.86
N ILE B 357 -6.38 -3.99 25.26
CA ILE B 357 -5.11 -4.64 25.51
C ILE B 357 -5.04 -5.98 24.76
N GLY B 358 -3.86 -6.28 24.22
CA GLY B 358 -3.65 -7.52 23.49
C GLY B 358 -2.30 -8.10 23.86
N THR B 359 -2.14 -9.41 23.68
CA THR B 359 -0.91 -10.10 24.03
C THR B 359 -0.06 -10.68 22.88
N PRO B 360 -0.54 -10.59 21.63
CA PRO B 360 0.27 -11.18 20.56
C PRO B 360 1.75 -10.77 20.60
N ALA B 361 1.99 -9.48 20.73
CA ALA B 361 3.34 -8.93 20.73
C ALA B 361 4.27 -9.46 21.84
N ILE B 362 3.83 -9.40 23.10
CA ILE B 362 4.67 -9.87 24.19
C ILE B 362 4.85 -11.39 24.21
N THR B 363 3.93 -12.14 23.62
CA THR B 363 4.02 -13.61 23.55
C THR B 363 5.11 -14.03 22.57
N THR B 364 5.34 -13.18 21.57
CA THR B 364 6.37 -13.43 20.58
C THR B 364 7.72 -13.27 21.28
N ARG B 365 7.74 -12.36 22.24
CA ARG B 365 8.93 -12.06 23.05
C ARG B 365 9.15 -13.07 24.16
N GLY B 366 8.31 -14.11 24.20
CA GLY B 366 8.49 -15.15 25.19
C GLY B 366 7.81 -14.97 26.55
N PHE B 367 6.87 -14.04 26.66
CA PHE B 367 6.15 -13.89 27.93
C PHE B 367 5.22 -15.09 28.09
N THR B 368 5.05 -15.52 29.34
CA THR B 368 4.24 -16.69 29.66
C THR B 368 3.16 -16.34 30.66
N PRO B 369 2.12 -17.19 30.75
CA PRO B 369 1.02 -16.90 31.68
C PRO B 369 1.49 -16.60 33.10
N GLU B 370 2.56 -17.25 33.55
CA GLU B 370 3.08 -17.05 34.91
C GLU B 370 3.63 -15.64 35.14
N GLU B 371 3.90 -14.93 34.05
CA GLU B 371 4.42 -13.56 34.15
C GLU B 371 3.30 -12.53 34.13
N MET B 372 2.10 -12.96 33.76
CA MET B 372 0.98 -12.03 33.67
C MET B 372 0.70 -11.30 34.98
N PRO B 373 0.77 -11.99 36.13
CA PRO B 373 0.56 -11.25 37.37
C PRO B 373 1.49 -10.03 37.52
N LEU B 374 2.72 -10.12 37.03
CA LEU B 374 3.65 -9.00 37.13
C LEU B 374 3.25 -7.87 36.20
N VAL B 375 2.86 -8.22 34.98
CA VAL B 375 2.43 -7.20 34.01
C VAL B 375 1.18 -6.51 34.57
N ALA B 376 0.26 -7.29 35.14
CA ALA B 376 -0.95 -6.72 35.74
C ALA B 376 -0.61 -5.73 36.85
N GLU B 377 0.41 -6.04 37.65
CA GLU B 377 0.81 -5.14 38.74
C GLU B 377 1.30 -3.78 38.25
N LEU B 378 2.10 -3.77 37.19
CA LEU B 378 2.67 -2.54 36.64
C LEU B 378 1.60 -1.65 36.02
N ILE B 379 0.65 -2.26 35.31
CA ILE B 379 -0.45 -1.54 34.70
C ILE B 379 -1.28 -0.87 35.81
N ASP B 380 -1.62 -1.64 36.83
CA ASP B 380 -2.40 -1.14 37.95
C ASP B 380 -1.72 0.06 38.60
N ARG B 381 -0.44 -0.09 38.93
CA ARG B 381 0.29 1.00 39.58
C ARG B 381 0.37 2.24 38.72
N ALA B 382 0.54 2.05 37.42
CA ALA B 382 0.65 3.17 36.50
C ALA B 382 -0.64 3.98 36.44
N LEU B 383 -1.78 3.30 36.65
CA LEU B 383 -3.07 3.97 36.59
C LEU B 383 -3.49 4.63 37.90
N LEU B 384 -3.10 4.06 39.02
CA LEU B 384 -3.45 4.60 40.34
C LEU B 384 -2.44 5.63 40.85
N GLU B 385 -1.16 5.29 40.78
CA GLU B 385 -0.08 6.15 41.26
C GLU B 385 0.50 7.08 40.18
N GLY B 386 0.17 6.82 38.93
CA GLY B 386 0.67 7.64 37.85
C GLY B 386 2.12 7.34 37.51
N PRO B 387 2.67 8.01 36.49
CA PRO B 387 4.06 7.81 36.06
C PRO B 387 5.10 8.23 37.09
N SER B 388 6.20 7.49 37.12
CA SER B 388 7.31 7.75 38.01
C SER B 388 8.52 6.99 37.45
N GLU B 389 9.71 7.56 37.66
CA GLU B 389 10.95 6.97 37.17
C GLU B 389 11.15 5.49 37.57
N ALA B 390 10.99 5.20 38.85
CA ALA B 390 11.16 3.84 39.37
C ALA B 390 10.28 2.83 38.64
N LEU B 391 9.06 3.25 38.31
CA LEU B 391 8.10 2.42 37.62
C LEU B 391 8.55 2.19 36.19
N ARG B 392 9.09 3.24 35.56
CA ARG B 392 9.57 3.15 34.19
C ARG B 392 10.73 2.15 34.14
N GLU B 393 11.58 2.17 35.16
CA GLU B 393 12.72 1.27 35.24
C GLU B 393 12.31 -0.18 35.41
N GLU B 394 11.31 -0.39 36.25
CA GLU B 394 10.82 -1.74 36.51
C GLU B 394 10.28 -2.34 35.21
N VAL B 395 9.65 -1.51 34.39
CA VAL B 395 9.10 -1.97 33.11
C VAL B 395 10.24 -2.30 32.15
N ARG B 396 11.25 -1.44 32.13
CA ARG B 396 12.40 -1.61 31.26
C ARG B 396 13.10 -2.93 31.52
N ARG B 397 13.38 -3.22 32.80
CA ARG B 397 14.09 -4.44 33.17
C ARG B 397 13.29 -5.67 32.77
N LEU B 398 11.98 -5.60 32.97
CA LEU B 398 11.15 -6.74 32.64
C LEU B 398 11.21 -7.03 31.13
N ALA B 399 11.04 -5.98 30.35
CA ALA B 399 11.07 -6.06 28.90
C ALA B 399 12.44 -6.51 28.39
N LEU B 400 13.50 -5.92 28.91
CA LEU B 400 14.85 -6.26 28.48
C LEU B 400 15.17 -7.73 28.77
N ALA B 401 14.43 -8.35 29.68
CA ALA B 401 14.69 -9.73 30.04
C ALA B 401 14.11 -10.69 29.00
N HIS B 402 13.39 -10.13 28.04
CA HIS B 402 12.76 -10.93 26.99
C HIS B 402 13.34 -10.47 25.67
N PRO B 403 13.82 -11.42 24.84
CA PRO B 403 14.45 -10.98 23.60
C PRO B 403 13.44 -10.57 22.53
N MET B 404 13.94 -9.92 21.49
CA MET B 404 13.09 -9.55 20.36
C MET B 404 13.51 -10.42 19.18
N PRO B 405 12.58 -10.73 18.27
CA PRO B 405 12.91 -11.59 17.13
C PRO B 405 13.99 -10.98 16.23
S SO4 C . 3.58 2.85 -16.20
O1 SO4 C . 3.31 2.93 -14.75
O2 SO4 C . 4.78 2.00 -16.41
O3 SO4 C . 3.85 4.17 -16.72
O4 SO4 C . 2.43 2.29 -16.92
S SO4 D . -6.82 -1.75 14.88
O1 SO4 D . -7.35 -3.04 15.31
O2 SO4 D . -5.89 -1.24 15.90
O3 SO4 D . -7.95 -0.83 14.72
O4 SO4 D . -6.10 -1.90 13.61
#